data_6ENZ
#
_entry.id   6ENZ
#
_cell.length_a   137.430
_cell.length_b   80.640
_cell.length_c   128.510
_cell.angle_alpha   90.00
_cell.angle_beta   117.85
_cell.angle_gamma   90.00
#
_symmetry.space_group_name_H-M   'C 1 2 1'
#
loop_
_entity.id
_entity.type
_entity.pdbx_description
1 polymer 'Acidic amino acid decarboxylase GADL1'
2 non-polymer "PYRIDOXAL-5'-PHOSPHATE"
#
_entity_poly.entity_id   1
_entity_poly.type   'polypeptide(L)'
_entity_poly.pdbx_seq_one_letter_code
;MGPHHHHHHLESTSLYKKAGSENLYFQGMTPGKKIPIFVDGVVLNGPQTDVKAGEKFVEEACRLIMEEVVLKATDVNEKV
CEWQPPEQLRQLLDLEMRDTGESQDKLLKLCQDVIHFSVKTNHPRFFNQLYAGLDYYSLAARIITEALNPSIYTYEVSPV
FLLVEEAVLKKMIECVGWKEGDGIFNPGGSVSNMCAMNLARYRHCPDIKEKGLSGLPRLILFTSAECHYSMKKAASFLGI
GTQNVYFVETDGRGKMIPEDLEKQIWQARQEGAVPFLVCATSGTTVLGAFDPLDEIAEVCERHGLWLHVDASWGGSALVS
RKHRRLLHGIHRADSVAWNPHKMLMAGIQCSALLVKDKSDLLKKCYSAKATYLFQQDKFYDVSYDTGDKSIQCSRRPDAF
KFWMTWKALGTSGLEERVNRAFALSRYLVDEIKKREGFKLLMEPEYTNVCFWYIPPSLREMEEGPEFWRKLSLVAPAIKE
KMMKKGSLMLGYQPHRGKVNFFRQVVISPQVSREDMDFLLDEIDSLGRDM
;
_entity_poly.pdbx_strand_id   A,B
#
# COMPACT_ATOMS: atom_id res chain seq x y z
N VAL A 39 -5.66 40.66 -16.27
CA VAL A 39 -4.92 40.48 -17.52
C VAL A 39 -4.94 38.99 -17.86
N ASP A 40 -4.61 38.67 -19.11
CA ASP A 40 -4.57 37.29 -19.60
C ASP A 40 -3.40 37.17 -20.56
N GLY A 41 -2.41 36.32 -20.23
CA GLY A 41 -1.27 36.23 -21.10
C GLY A 41 -0.21 35.17 -20.90
N VAL A 42 -0.10 34.28 -21.90
CA VAL A 42 1.00 33.35 -22.17
C VAL A 42 1.56 32.61 -20.96
N VAL A 43 1.96 31.34 -21.13
CA VAL A 43 1.79 30.55 -22.36
C VAL A 43 0.54 29.74 -22.13
N LEU A 44 -0.58 30.46 -22.14
CA LEU A 44 -1.93 29.93 -22.01
C LEU A 44 -2.30 29.87 -20.52
N ASN A 45 -3.09 30.84 -20.05
CA ASN A 45 -3.45 31.01 -18.65
C ASN A 45 -4.95 31.20 -18.48
N GLY A 46 -5.39 30.96 -17.24
CA GLY A 46 -6.77 31.04 -16.86
C GLY A 46 -6.88 31.36 -15.37
N PRO A 47 -7.45 30.45 -14.55
CA PRO A 47 -7.92 29.08 -14.82
C PRO A 47 -9.09 28.96 -15.78
N GLN A 48 -9.59 27.74 -15.91
CA GLN A 48 -10.66 27.41 -16.83
C GLN A 48 -11.06 25.95 -16.55
N THR A 49 -11.34 25.66 -15.29
CA THR A 49 -11.40 24.31 -14.77
C THR A 49 -12.81 23.76 -14.62
N ASP A 50 -13.82 24.61 -14.53
CA ASP A 50 -15.21 24.17 -14.40
C ASP A 50 -15.39 23.34 -13.12
N VAL A 51 -15.04 23.96 -11.99
CA VAL A 51 -15.14 23.28 -10.71
C VAL A 51 -16.54 22.72 -10.50
N LYS A 52 -17.54 23.61 -10.47
CA LYS A 52 -18.90 23.28 -10.08
C LYS A 52 -19.41 21.98 -10.71
N ALA A 53 -18.85 21.59 -11.86
CA ALA A 53 -19.16 20.27 -12.41
C ALA A 53 -18.45 19.19 -11.61
N GLY A 54 -17.13 19.31 -11.45
CA GLY A 54 -16.40 18.36 -10.64
C GLY A 54 -16.97 18.22 -9.24
N GLU A 55 -17.63 19.27 -8.74
CA GLU A 55 -18.27 19.17 -7.43
C GLU A 55 -19.56 18.37 -7.48
N LYS A 56 -20.26 18.39 -8.62
CA LYS A 56 -21.44 17.53 -8.75
C LYS A 56 -21.06 16.07 -8.83
N PHE A 57 -20.06 15.75 -9.66
CA PHE A 57 -19.64 14.36 -9.83
C PHE A 57 -19.26 13.73 -8.50
N VAL A 58 -18.71 14.51 -7.57
CA VAL A 58 -18.40 13.97 -6.25
C VAL A 58 -19.68 13.81 -5.43
N GLU A 59 -20.56 14.82 -5.45
CA GLU A 59 -21.83 14.69 -4.75
C GLU A 59 -22.66 13.57 -5.34
N GLU A 60 -22.66 13.43 -6.67
CA GLU A 60 -23.47 12.40 -7.29
C GLU A 60 -22.92 11.01 -7.02
N ALA A 61 -21.59 10.89 -6.97
CA ALA A 61 -20.99 9.60 -6.59
C ALA A 61 -21.28 9.27 -5.14
N CYS A 62 -21.22 10.26 -4.25
CA CYS A 62 -21.56 10.03 -2.86
C CYS A 62 -22.94 9.42 -2.74
N ARG A 63 -23.93 10.01 -3.42
CA ARG A 63 -25.28 9.49 -3.32
C ARG A 63 -25.36 8.09 -3.93
N LEU A 64 -24.70 7.89 -5.07
CA LEU A 64 -24.62 6.56 -5.66
C LEU A 64 -24.15 5.52 -4.65
N ILE A 65 -23.10 5.85 -3.88
CA ILE A 65 -22.61 4.94 -2.84
C ILE A 65 -23.71 4.65 -1.83
N MET A 66 -24.39 5.69 -1.35
CA MET A 66 -25.44 5.48 -0.36
C MET A 66 -26.53 4.57 -0.89
N GLU A 67 -27.13 4.94 -2.02
CA GLU A 67 -28.27 4.19 -2.55
C GLU A 67 -27.90 2.74 -2.84
N GLU A 68 -26.81 2.52 -3.59
CA GLU A 68 -26.54 1.21 -4.19
C GLU A 68 -25.55 0.36 -3.39
N VAL A 69 -25.00 0.86 -2.29
CA VAL A 69 -23.99 0.09 -1.56
C VAL A 69 -24.28 0.12 -0.06
N VAL A 70 -24.23 1.32 0.53
CA VAL A 70 -24.34 1.44 1.99
C VAL A 70 -25.69 0.92 2.46
N LEU A 71 -26.77 1.36 1.81
CA LEU A 71 -28.11 1.03 2.25
C LEU A 71 -28.51 -0.39 1.85
N LYS A 72 -27.92 -0.92 0.77
CA LYS A 72 -28.15 -2.30 0.35
C LYS A 72 -27.11 -3.27 0.91
N ALA A 73 -26.33 -2.86 1.90
CA ALA A 73 -25.19 -3.67 2.34
C ALA A 73 -25.66 -4.99 2.94
N THR A 74 -26.73 -4.97 3.74
CA THR A 74 -27.18 -6.13 4.49
C THR A 74 -28.30 -6.91 3.79
N ASP A 75 -28.74 -6.51 2.60
CA ASP A 75 -29.85 -7.15 1.93
C ASP A 75 -29.38 -8.45 1.28
N VAL A 76 -29.80 -9.58 1.86
CA VAL A 76 -29.35 -10.89 1.39
C VAL A 76 -29.94 -11.27 0.04
N ASN A 77 -31.14 -10.79 -0.29
CA ASN A 77 -31.85 -11.22 -1.49
C ASN A 77 -31.30 -10.60 -2.78
N GLU A 78 -30.11 -10.04 -2.77
CA GLU A 78 -29.50 -9.47 -3.96
C GLU A 78 -28.29 -10.31 -4.36
N LYS A 79 -27.95 -10.24 -5.64
CA LYS A 79 -26.89 -11.09 -6.16
C LYS A 79 -25.55 -10.71 -5.54
N VAL A 80 -24.85 -11.73 -5.02
CA VAL A 80 -23.52 -11.52 -4.46
C VAL A 80 -22.54 -11.06 -5.53
N CYS A 81 -22.80 -11.39 -6.79
CA CYS A 81 -21.91 -10.99 -7.86
C CYS A 81 -22.64 -11.12 -9.19
N GLU A 82 -22.32 -10.21 -10.12
CA GLU A 82 -22.86 -10.22 -11.47
C GLU A 82 -21.78 -10.82 -12.38
N TRP A 83 -21.81 -12.14 -12.54
CA TRP A 83 -20.74 -12.82 -13.26
C TRP A 83 -20.81 -12.51 -14.75
N GLN A 84 -19.66 -12.16 -15.31
CA GLN A 84 -19.47 -11.96 -16.74
C GLN A 84 -18.01 -12.23 -17.08
N PRO A 85 -17.71 -13.16 -17.98
CA PRO A 85 -16.30 -13.45 -18.29
C PRO A 85 -15.60 -12.19 -18.76
N PRO A 86 -14.27 -12.19 -18.80
CA PRO A 86 -13.57 -10.97 -19.23
C PRO A 86 -14.03 -10.47 -20.59
N GLU A 87 -14.10 -11.34 -21.60
CA GLU A 87 -14.41 -10.88 -22.94
C GLU A 87 -15.86 -10.42 -23.08
N GLN A 88 -16.75 -10.78 -22.17
CA GLN A 88 -18.09 -10.21 -22.19
C GLN A 88 -18.17 -8.97 -21.31
N LEU A 89 -17.46 -8.97 -20.17
CA LEU A 89 -17.45 -7.79 -19.31
C LEU A 89 -16.64 -6.67 -19.94
N ARG A 90 -15.61 -7.01 -20.71
CA ARG A 90 -14.85 -6.01 -21.46
C ARG A 90 -15.74 -5.30 -22.46
N GLN A 91 -16.63 -6.05 -23.12
CA GLN A 91 -17.55 -5.50 -24.11
C GLN A 91 -18.71 -4.74 -23.48
N LEU A 92 -18.78 -4.65 -22.15
CA LEU A 92 -19.87 -3.97 -21.47
C LEU A 92 -19.46 -2.69 -20.76
N LEU A 93 -18.16 -2.49 -20.50
CA LEU A 93 -17.71 -1.38 -19.70
C LEU A 93 -17.10 -0.24 -20.52
N ASP A 94 -16.61 -0.52 -21.72
CA ASP A 94 -15.93 0.51 -22.51
C ASP A 94 -14.82 1.13 -21.70
N LEU A 95 -13.65 0.48 -21.68
CA LEU A 95 -12.53 0.89 -20.85
C LEU A 95 -11.53 1.75 -21.59
N GLU A 96 -11.68 1.91 -22.91
CA GLU A 96 -10.68 2.60 -23.71
C GLU A 96 -10.54 4.05 -23.27
N MET A 97 -9.29 4.49 -23.08
CA MET A 97 -8.98 5.85 -22.67
C MET A 97 -8.55 6.62 -23.91
N ARG A 98 -9.42 7.51 -24.38
CA ARG A 98 -9.26 8.18 -25.65
C ARG A 98 -8.68 9.59 -25.44
N ASP A 99 -8.37 10.25 -26.57
CA ASP A 99 -7.83 11.61 -26.49
C ASP A 99 -8.82 12.56 -25.83
N THR A 100 -10.11 12.39 -26.11
CA THR A 100 -11.15 13.21 -25.53
C THR A 100 -11.76 12.53 -24.31
N GLY A 101 -12.42 13.33 -23.48
CA GLY A 101 -13.16 12.81 -22.35
C GLY A 101 -14.57 12.42 -22.72
N GLU A 102 -15.37 12.12 -21.68
CA GLU A 102 -16.78 11.80 -21.85
C GLU A 102 -17.60 12.64 -20.90
N SER A 103 -18.83 12.96 -21.32
CA SER A 103 -19.70 13.80 -20.51
C SER A 103 -20.00 13.11 -19.18
N GLN A 104 -20.41 13.90 -18.19
CA GLN A 104 -20.62 13.36 -16.86
C GLN A 104 -21.69 12.27 -16.86
N ASP A 105 -22.65 12.36 -17.77
CA ASP A 105 -23.72 11.36 -17.81
C ASP A 105 -23.16 9.98 -18.14
N LYS A 106 -22.31 9.89 -19.17
CA LYS A 106 -21.66 8.63 -19.46
C LYS A 106 -20.74 8.23 -18.31
N LEU A 107 -20.07 9.20 -17.69
CA LEU A 107 -19.19 8.89 -16.59
C LEU A 107 -19.97 8.40 -15.37
N LEU A 108 -21.11 9.03 -15.07
CA LEU A 108 -21.96 8.54 -13.99
C LEU A 108 -22.55 7.19 -14.33
N LYS A 109 -22.68 6.87 -15.61
CA LYS A 109 -23.07 5.52 -16.01
C LYS A 109 -21.95 4.53 -15.72
N LEU A 110 -20.71 4.86 -16.13
CA LEU A 110 -19.56 4.02 -15.83
C LEU A 110 -19.55 3.62 -14.35
N CYS A 111 -19.59 4.60 -13.46
CA CYS A 111 -19.61 4.29 -12.03
C CYS A 111 -20.77 3.38 -11.68
N GLN A 112 -21.95 3.63 -12.27
CA GLN A 112 -23.10 2.75 -12.03
C GLN A 112 -22.77 1.32 -12.45
N ASP A 113 -22.10 1.15 -13.59
CA ASP A 113 -21.81 -0.20 -14.07
C ASP A 113 -20.73 -0.86 -13.23
N VAL A 114 -19.67 -0.13 -12.89
CA VAL A 114 -18.58 -0.68 -12.10
C VAL A 114 -19.11 -1.33 -10.83
N ILE A 115 -20.13 -0.74 -10.22
CA ILE A 115 -20.72 -1.32 -9.02
C ILE A 115 -21.55 -2.55 -9.37
N HIS A 116 -22.35 -2.45 -10.44
CA HIS A 116 -23.28 -3.53 -10.76
C HIS A 116 -22.54 -4.83 -11.10
N PHE A 117 -21.35 -4.73 -11.68
CA PHE A 117 -20.61 -5.90 -12.14
C PHE A 117 -19.55 -6.36 -11.14
N SER A 118 -19.29 -5.60 -10.09
CA SER A 118 -18.24 -5.95 -9.14
C SER A 118 -18.78 -6.83 -8.02
N VAL A 119 -17.88 -7.60 -7.42
CA VAL A 119 -18.23 -8.45 -6.29
C VAL A 119 -18.64 -7.57 -5.11
N LYS A 120 -19.67 -8.01 -4.38
CA LYS A 120 -20.16 -7.30 -3.20
C LYS A 120 -19.52 -7.96 -1.98
N THR A 121 -18.35 -7.46 -1.58
CA THR A 121 -17.67 -7.98 -0.40
C THR A 121 -18.44 -7.66 0.88
N ASN A 122 -19.35 -6.70 0.85
CA ASN A 122 -20.13 -6.36 2.03
C ASN A 122 -21.34 -7.27 2.21
N HIS A 123 -21.76 -7.96 1.14
CA HIS A 123 -22.89 -8.87 1.24
C HIS A 123 -22.64 -9.88 2.35
N PRO A 124 -23.57 -10.06 3.29
CA PRO A 124 -23.32 -10.99 4.40
C PRO A 124 -22.99 -12.40 3.94
N ARG A 125 -23.46 -12.80 2.76
CA ARG A 125 -23.20 -14.12 2.21
C ARG A 125 -21.94 -14.15 1.35
N PHE A 126 -20.92 -13.39 1.75
CA PHE A 126 -19.62 -13.37 1.08
C PHE A 126 -18.61 -13.96 2.04
N PHE A 127 -18.21 -15.21 1.79
CA PHE A 127 -17.22 -15.91 2.60
C PHE A 127 -16.05 -16.39 1.76
N ASN A 128 -15.67 -15.64 0.74
CA ASN A 128 -14.66 -16.11 -0.19
C ASN A 128 -13.24 -15.81 0.26
N GLN A 129 -13.05 -14.85 1.17
CA GLN A 129 -11.72 -14.46 1.63
C GLN A 129 -11.76 -14.20 3.13
N LEU A 130 -10.59 -13.86 3.68
CA LEU A 130 -10.45 -13.60 5.11
C LEU A 130 -10.82 -12.16 5.44
N TYR A 131 -11.73 -11.58 4.66
CA TYR A 131 -12.36 -10.31 5.00
C TYR A 131 -13.75 -10.31 4.39
N ALA A 132 -14.62 -9.45 4.92
CA ALA A 132 -15.98 -9.37 4.43
C ALA A 132 -16.73 -8.33 5.26
N GLY A 133 -17.92 -7.96 4.77
CA GLY A 133 -18.81 -7.10 5.51
C GLY A 133 -18.43 -5.64 5.41
N LEU A 134 -19.33 -4.80 5.93
CA LEU A 134 -19.16 -3.35 5.90
C LEU A 134 -19.28 -2.81 7.33
N ASP A 135 -18.18 -2.24 7.84
CA ASP A 135 -18.22 -1.48 9.08
C ASP A 135 -18.45 -0.02 8.71
N TYR A 136 -19.62 0.50 9.06
CA TYR A 136 -20.00 1.85 8.64
C TYR A 136 -19.01 2.89 9.15
N TYR A 137 -18.50 2.71 10.37
CA TYR A 137 -17.64 3.73 10.96
C TYR A 137 -16.27 3.77 10.28
N SER A 138 -15.71 2.60 9.97
CA SER A 138 -14.43 2.58 9.24
C SER A 138 -14.60 3.16 7.85
N LEU A 139 -15.78 2.99 7.25
CA LEU A 139 -16.00 3.55 5.92
C LEU A 139 -16.03 5.07 5.96
N ALA A 140 -16.72 5.65 6.95
CA ALA A 140 -16.70 7.09 7.13
C ALA A 140 -15.26 7.58 7.25
N ALA A 141 -14.47 6.91 8.10
CA ALA A 141 -13.06 7.25 8.21
C ALA A 141 -12.33 7.02 6.90
N ARG A 142 -12.69 5.97 6.16
CA ARG A 142 -12.08 5.72 4.87
C ARG A 142 -12.36 6.86 3.91
N ILE A 143 -13.59 7.36 3.91
CA ILE A 143 -13.96 8.47 3.04
C ILE A 143 -13.23 9.74 3.46
N ILE A 144 -13.14 9.98 4.78
CA ILE A 144 -12.42 11.15 5.28
C ILE A 144 -10.98 11.14 4.77
N THR A 145 -10.24 10.08 5.10
CA THR A 145 -8.87 9.96 4.61
C THR A 145 -8.81 10.17 3.11
N GLU A 146 -9.84 9.71 2.40
CA GLU A 146 -9.81 9.74 0.94
C GLU A 146 -9.85 11.16 0.40
N ALA A 147 -10.61 12.04 1.06
CA ALA A 147 -10.72 13.42 0.58
C ALA A 147 -9.50 14.24 0.95
N LEU A 148 -9.04 14.13 2.21
CA LEU A 148 -7.83 14.84 2.61
C LEU A 148 -6.62 14.40 1.80
N ASN A 149 -6.63 13.15 1.32
CA ASN A 149 -5.51 12.59 0.57
C ASN A 149 -4.19 12.90 1.26
N PRO A 150 -3.99 12.44 2.49
CA PRO A 150 -2.74 12.71 3.20
C PRO A 150 -1.69 11.63 2.99
N SER A 151 -0.44 12.04 3.18
CA SER A 151 0.68 11.11 3.29
C SER A 151 1.32 11.28 4.66
N ILE A 152 1.87 10.19 5.18
CA ILE A 152 2.35 10.16 6.55
C ILE A 152 3.88 10.19 6.56
N TYR A 153 4.45 11.12 5.80
CA TYR A 153 5.90 11.34 5.91
C TYR A 153 6.26 11.73 7.35
N THR A 154 5.60 12.76 7.86
CA THR A 154 6.07 13.42 9.07
C THR A 154 4.91 14.22 9.68
N TYR A 155 5.15 14.72 10.89
CA TYR A 155 4.13 15.46 11.63
C TYR A 155 3.72 16.73 10.90
N GLU A 156 4.63 17.32 10.11
CA GLU A 156 4.31 18.57 9.43
C GLU A 156 3.33 18.37 8.27
N VAL A 157 3.15 17.13 7.80
CA VAL A 157 2.19 16.86 6.74
C VAL A 157 0.94 16.15 7.26
N SER A 158 1.06 15.31 8.29
CA SER A 158 -0.06 14.54 8.81
C SER A 158 0.00 14.53 10.33
N PRO A 159 -0.22 15.69 10.97
CA PRO A 159 -0.16 15.72 12.44
C PRO A 159 -1.19 14.83 13.10
N VAL A 160 -2.47 14.95 12.70
CA VAL A 160 -3.52 14.13 13.28
C VAL A 160 -3.21 12.65 13.09
N PHE A 161 -3.15 12.22 11.83
CA PHE A 161 -3.01 10.80 11.54
C PHE A 161 -1.74 10.19 12.14
N LEU A 162 -0.72 11.00 12.42
CA LEU A 162 0.44 10.47 13.12
C LEU A 162 0.17 10.29 14.60
N LEU A 163 -0.64 11.15 15.20
CA LEU A 163 -1.05 10.94 16.59
C LEU A 163 -1.99 9.76 16.70
N VAL A 164 -2.81 9.52 15.68
CA VAL A 164 -3.71 8.37 15.69
C VAL A 164 -2.92 7.08 15.57
N GLU A 165 -1.96 7.04 14.64
CA GLU A 165 -1.14 5.83 14.50
C GLU A 165 -0.38 5.53 15.78
N GLU A 166 0.12 6.56 16.46
CA GLU A 166 0.75 6.33 17.77
C GLU A 166 -0.24 5.71 18.74
N ALA A 167 -1.49 6.20 18.75
CA ALA A 167 -2.49 5.66 19.66
C ALA A 167 -2.77 4.19 19.36
N VAL A 168 -3.09 3.88 18.11
CA VAL A 168 -3.44 2.51 17.73
C VAL A 168 -2.30 1.56 18.06
N LEU A 169 -1.07 1.91 17.64
CA LEU A 169 0.08 1.04 17.91
C LEU A 169 0.23 0.78 19.39
N LYS A 170 0.11 1.82 20.22
CA LYS A 170 0.23 1.62 21.67
C LYS A 170 -0.87 0.71 22.20
N LYS A 171 -2.11 0.93 21.75
CA LYS A 171 -3.21 0.09 22.20
C LYS A 171 -2.96 -1.36 21.81
N MET A 172 -2.73 -1.61 20.52
CA MET A 172 -2.44 -2.96 20.05
C MET A 172 -1.34 -3.62 20.88
N ILE A 173 -0.29 -2.85 21.23
CA ILE A 173 0.84 -3.43 21.93
C ILE A 173 0.42 -3.93 23.31
N GLU A 174 -0.59 -3.31 23.91
CA GLU A 174 -1.11 -3.81 25.18
C GLU A 174 -1.79 -5.17 24.98
N CYS A 175 -2.63 -5.27 23.96
CA CYS A 175 -3.31 -6.54 23.68
C CYS A 175 -2.31 -7.67 23.51
N VAL A 176 -1.12 -7.38 22.98
CA VAL A 176 -0.10 -8.40 22.84
C VAL A 176 0.43 -8.83 24.21
N GLY A 177 0.50 -7.90 25.15
CA GLY A 177 1.03 -8.17 26.47
C GLY A 177 2.36 -7.51 26.76
N TRP A 178 2.93 -6.79 25.80
CA TRP A 178 4.15 -6.04 26.03
C TRP A 178 3.89 -4.81 26.90
N LYS A 179 4.95 -4.32 27.54
CA LYS A 179 4.83 -3.08 28.29
C LYS A 179 5.01 -1.87 27.38
N GLU A 180 5.98 -1.97 26.46
CA GLU A 180 6.26 -0.89 25.52
C GLU A 180 6.69 -1.52 24.21
N GLY A 181 6.73 -0.71 23.16
CA GLY A 181 7.11 -1.23 21.87
C GLY A 181 7.23 -0.16 20.82
N ASP A 182 7.19 -0.60 19.57
CA ASP A 182 7.36 0.26 18.41
C ASP A 182 6.79 -0.47 17.21
N GLY A 183 6.30 0.29 16.24
CA GLY A 183 5.71 -0.34 15.07
C GLY A 183 5.34 0.68 14.01
N ILE A 184 4.90 0.14 12.87
CA ILE A 184 4.45 0.93 11.74
C ILE A 184 3.35 0.15 11.04
N PHE A 185 2.60 0.84 10.19
CA PHE A 185 1.55 0.21 9.40
C PHE A 185 2.03 0.04 7.98
N ASN A 186 1.98 -1.20 7.49
CA ASN A 186 2.43 -1.54 6.16
C ASN A 186 1.24 -1.80 5.25
N PRO A 187 1.45 -1.81 3.94
CA PRO A 187 0.35 -2.17 3.01
C PRO A 187 0.24 -3.68 2.83
N GLY A 188 -0.43 -4.31 3.78
CA GLY A 188 -0.64 -5.74 3.71
C GLY A 188 0.31 -6.54 4.58
N GLY A 189 -0.22 -7.48 5.35
CA GLY A 189 0.57 -8.29 6.26
C GLY A 189 1.72 -9.01 5.59
N SER A 190 1.64 -9.20 4.27
CA SER A 190 2.77 -9.77 3.54
C SER A 190 4.02 -8.94 3.75
N VAL A 191 3.88 -7.61 3.61
CA VAL A 191 5.03 -6.72 3.83
C VAL A 191 5.41 -6.70 5.30
N SER A 192 4.43 -6.81 6.20
CA SER A 192 4.74 -6.89 7.62
C SER A 192 5.70 -8.03 7.91
N ASN A 193 5.42 -9.21 7.35
CA ASN A 193 6.34 -10.34 7.50
C ASN A 193 7.69 -10.02 6.87
N MET A 194 7.67 -9.46 5.67
CA MET A 194 8.92 -9.06 5.00
C MET A 194 9.71 -8.10 5.88
N CYS A 195 9.05 -7.08 6.42
CA CYS A 195 9.73 -6.11 7.27
C CYS A 195 10.30 -6.77 8.52
N ALA A 196 9.49 -7.61 9.18
CA ALA A 196 9.95 -8.26 10.40
C ALA A 196 11.12 -9.19 10.12
N MET A 197 11.10 -9.88 8.98
CA MET A 197 12.24 -10.73 8.61
C MET A 197 13.48 -9.90 8.35
N ASN A 198 13.32 -8.73 7.71
CA ASN A 198 14.48 -7.86 7.49
C ASN A 198 15.00 -7.30 8.81
N LEU A 199 14.11 -7.07 9.78
CA LEU A 199 14.55 -6.58 11.08
C LEU A 199 15.41 -7.62 11.79
N ALA A 200 14.92 -8.86 11.86
CA ALA A 200 15.67 -9.93 12.51
C ALA A 200 17.04 -10.11 11.88
N ARG A 201 17.18 -9.82 10.59
CA ARG A 201 18.49 -9.92 9.95
C ARG A 201 19.38 -8.76 10.36
N TYR A 202 18.80 -7.57 10.47
CA TYR A 202 19.58 -6.41 10.92
C TYR A 202 20.05 -6.60 12.36
N ARG A 203 19.16 -7.09 13.23
CA ARG A 203 19.56 -7.36 14.61
C ARG A 203 20.65 -8.41 14.67
N HIS A 204 20.56 -9.45 13.82
CA HIS A 204 21.54 -10.52 13.84
C HIS A 204 22.89 -10.04 13.32
N CYS A 205 22.89 -9.25 12.24
CA CYS A 205 24.12 -8.67 11.70
C CYS A 205 23.75 -7.36 11.03
N PRO A 206 23.76 -6.25 11.77
CA PRO A 206 23.33 -4.96 11.18
C PRO A 206 24.24 -4.47 10.07
N ASP A 207 25.42 -5.07 9.87
CA ASP A 207 26.26 -4.69 8.75
C ASP A 207 25.71 -5.16 7.42
N ILE A 208 24.74 -6.09 7.43
CA ILE A 208 24.13 -6.53 6.17
C ILE A 208 23.48 -5.37 5.46
N LYS A 209 23.03 -4.36 6.21
CA LYS A 209 22.43 -3.18 5.58
C LYS A 209 23.40 -2.53 4.61
N GLU A 210 24.69 -2.51 4.95
CA GLU A 210 25.70 -1.89 4.10
C GLU A 210 26.49 -2.89 3.27
N LYS A 211 27.00 -3.96 3.89
CA LYS A 211 27.81 -4.92 3.14
C LYS A 211 26.95 -5.82 2.26
N GLY A 212 25.78 -6.20 2.72
CA GLY A 212 24.99 -7.19 2.02
C GLY A 212 25.36 -8.61 2.42
N LEU A 213 24.84 -9.56 1.65
CA LEU A 213 24.94 -10.98 1.99
C LEU A 213 26.04 -11.71 1.24
N SER A 214 26.87 -11.01 0.47
CA SER A 214 27.83 -11.68 -0.40
C SER A 214 28.73 -12.62 0.39
N GLY A 215 29.45 -12.09 1.38
CA GLY A 215 30.42 -12.87 2.10
C GLY A 215 29.91 -13.60 3.33
N LEU A 216 28.61 -13.52 3.61
CA LEU A 216 28.10 -14.11 4.84
C LEU A 216 27.63 -15.54 4.62
N PRO A 217 27.61 -16.37 5.68
CA PRO A 217 27.09 -17.73 5.54
C PRO A 217 25.58 -17.74 5.30
N ARG A 218 25.02 -18.94 5.20
CA ARG A 218 23.60 -19.10 4.90
C ARG A 218 22.76 -18.73 6.12
N LEU A 219 21.96 -17.67 6.00
CA LEU A 219 20.98 -17.36 7.03
C LEU A 219 19.72 -18.18 6.80
N ILE A 220 19.18 -18.73 7.89
CA ILE A 220 18.05 -19.65 7.82
C ILE A 220 16.96 -19.19 8.77
N LEU A 221 15.72 -19.25 8.31
CA LEU A 221 14.57 -19.07 9.17
C LEU A 221 13.73 -20.34 9.14
N PHE A 222 12.94 -20.53 10.20
CA PHE A 222 12.14 -21.73 10.39
C PHE A 222 10.69 -21.33 10.59
N THR A 223 9.78 -21.91 9.79
CA THR A 223 8.36 -21.66 9.92
C THR A 223 7.61 -22.97 9.73
N SER A 224 6.30 -22.91 9.93
CA SER A 224 5.44 -24.07 9.74
C SER A 224 5.01 -24.18 8.28
N ALA A 225 4.76 -25.42 7.84
CA ALA A 225 4.27 -25.63 6.48
C ALA A 225 2.85 -25.09 6.28
N GLU A 226 2.17 -24.70 7.35
CA GLU A 226 0.88 -24.04 7.26
C GLU A 226 1.02 -22.52 7.17
N CYS A 227 2.23 -22.03 6.91
CA CYS A 227 2.51 -20.60 6.89
C CYS A 227 1.98 -19.97 5.61
N HIS A 228 1.64 -18.69 5.70
CA HIS A 228 1.31 -17.93 4.51
C HIS A 228 2.48 -17.96 3.53
N TYR A 229 2.16 -17.82 2.24
CA TYR A 229 3.17 -17.92 1.20
C TYR A 229 4.08 -16.70 1.14
N SER A 230 3.71 -15.58 1.79
CA SER A 230 4.59 -14.43 1.81
C SER A 230 5.91 -14.75 2.50
N MET A 231 5.97 -15.82 3.28
CA MET A 231 7.25 -16.26 3.84
C MET A 231 8.21 -16.70 2.74
N LYS A 232 7.69 -17.29 1.66
CA LYS A 232 8.54 -17.70 0.55
C LYS A 232 8.90 -16.49 -0.31
N LYS A 233 7.91 -15.69 -0.71
CA LYS A 233 8.21 -14.48 -1.46
C LYS A 233 9.21 -13.60 -0.73
N ALA A 234 9.04 -13.46 0.60
CA ALA A 234 9.97 -12.69 1.39
C ALA A 234 11.38 -13.27 1.31
N ALA A 235 11.50 -14.57 1.61
CA ALA A 235 12.82 -15.21 1.61
C ALA A 235 13.56 -14.96 0.30
N SER A 236 12.86 -15.07 -0.83
CA SER A 236 13.47 -14.75 -2.11
C SER A 236 13.78 -13.27 -2.21
N PHE A 237 12.77 -12.44 -2.02
CA PHE A 237 12.93 -10.99 -2.15
C PHE A 237 14.13 -10.49 -1.36
N LEU A 238 14.20 -10.84 -0.08
CA LEU A 238 15.30 -10.40 0.77
C LEU A 238 16.64 -11.05 0.42
N GLY A 239 16.77 -11.79 -0.68
CA GLY A 239 18.05 -12.35 -1.04
C GLY A 239 18.55 -13.43 -0.10
N ILE A 240 17.65 -14.07 0.64
CA ILE A 240 18.03 -15.18 1.52
C ILE A 240 17.86 -16.51 0.81
N GLY A 241 16.82 -16.64 -0.02
CA GLY A 241 16.61 -17.84 -0.81
C GLY A 241 15.58 -18.77 -0.20
N THR A 242 14.66 -19.27 -1.03
CA THR A 242 13.63 -20.19 -0.53
C THR A 242 14.25 -21.48 -0.02
N GLN A 243 15.37 -21.91 -0.59
CA GLN A 243 16.04 -23.11 -0.11
C GLN A 243 16.45 -23.01 1.35
N ASN A 244 16.43 -21.80 1.93
CA ASN A 244 16.82 -21.60 3.32
C ASN A 244 15.61 -21.39 4.24
N VAL A 245 14.40 -21.71 3.78
CA VAL A 245 13.20 -21.64 4.61
C VAL A 245 12.89 -23.07 5.04
N TYR A 246 13.41 -23.45 6.20
CA TYR A 246 13.16 -24.78 6.74
C TYR A 246 11.75 -24.86 7.31
N PHE A 247 11.02 -25.90 6.94
CA PHE A 247 9.66 -26.11 7.41
C PHE A 247 9.65 -27.14 8.53
N VAL A 248 9.01 -26.80 9.63
CA VAL A 248 8.88 -27.69 10.78
C VAL A 248 7.60 -28.48 10.62
N GLU A 249 7.64 -29.77 10.97
CA GLU A 249 6.47 -30.62 10.78
C GLU A 249 5.33 -30.14 11.67
N THR A 250 4.10 -30.37 11.21
CA THR A 250 2.91 -30.03 11.96
C THR A 250 2.23 -31.29 12.47
N ASP A 251 1.50 -31.13 13.57
CA ASP A 251 0.78 -32.25 14.19
C ASP A 251 -0.59 -32.39 13.54
N GLY A 252 -1.50 -33.13 14.17
CA GLY A 252 -2.81 -33.36 13.59
C GLY A 252 -3.69 -32.13 13.57
N ARG A 253 -3.35 -31.11 14.36
CA ARG A 253 -4.14 -29.88 14.42
C ARG A 253 -3.58 -28.80 13.51
N GLY A 254 -2.50 -29.06 12.79
CA GLY A 254 -1.85 -28.05 11.99
C GLY A 254 -0.86 -27.20 12.76
N LYS A 255 -0.56 -27.56 14.00
CA LYS A 255 0.30 -26.77 14.87
C LYS A 255 1.74 -27.23 14.73
N MET A 256 2.65 -26.25 14.71
CA MET A 256 4.07 -26.57 14.68
C MET A 256 4.45 -27.42 15.90
N ILE A 257 5.45 -28.27 15.72
CA ILE A 257 5.88 -29.21 16.76
C ILE A 257 7.19 -28.67 17.34
N PRO A 258 7.19 -28.11 18.55
CA PRO A 258 8.45 -27.55 19.10
C PRO A 258 9.58 -28.55 19.23
N GLU A 259 9.29 -29.85 19.31
CA GLU A 259 10.36 -30.83 19.39
C GLU A 259 11.17 -30.87 18.11
N ASP A 260 10.48 -30.74 16.97
CA ASP A 260 11.16 -30.69 15.67
C ASP A 260 11.92 -29.39 15.51
N LEU A 261 11.30 -28.27 15.87
CA LEU A 261 11.97 -26.97 15.77
C LEU A 261 13.38 -27.03 16.37
N GLU A 262 13.51 -27.65 17.53
CA GLU A 262 14.83 -27.86 18.11
C GLU A 262 15.71 -28.71 17.18
N LYS A 263 15.12 -29.71 16.53
CA LYS A 263 15.89 -30.56 15.63
C LYS A 263 16.43 -29.77 14.44
N GLN A 264 15.58 -28.96 13.82
CA GLN A 264 16.00 -28.23 12.62
C GLN A 264 17.05 -27.18 12.94
N ILE A 265 17.07 -26.65 14.17
CA ILE A 265 18.06 -25.65 14.52
C ILE A 265 19.43 -26.28 14.75
N TRP A 266 19.47 -27.53 15.23
CA TRP A 266 20.74 -28.21 15.39
C TRP A 266 21.27 -28.70 14.06
N GLN A 267 20.41 -29.25 13.21
CA GLN A 267 20.82 -29.67 11.87
C GLN A 267 21.32 -28.48 11.07
N ALA A 268 20.53 -27.41 11.02
CA ALA A 268 20.93 -26.21 10.29
C ALA A 268 22.34 -25.77 10.70
N ARG A 269 22.56 -25.59 12.01
CA ARG A 269 23.88 -25.20 12.48
C ARG A 269 24.94 -26.21 12.07
N GLN A 270 24.66 -27.50 12.27
CA GLN A 270 25.63 -28.54 11.94
C GLN A 270 25.93 -28.61 10.44
N GLU A 271 25.11 -27.99 9.60
CA GLU A 271 25.45 -27.81 8.20
C GLU A 271 26.44 -26.69 7.97
N GLY A 272 26.74 -25.90 8.99
CA GLY A 272 27.49 -24.67 8.84
C GLY A 272 26.63 -23.45 8.59
N ALA A 273 25.31 -23.60 8.55
CA ALA A 273 24.40 -22.50 8.31
C ALA A 273 24.03 -21.81 9.63
N VAL A 274 23.44 -20.63 9.51
CA VAL A 274 23.24 -19.72 10.62
C VAL A 274 21.75 -19.44 10.78
N PRO A 275 21.08 -20.13 11.71
CA PRO A 275 19.69 -19.77 12.00
C PRO A 275 19.60 -18.38 12.64
N PHE A 276 18.52 -17.67 12.34
CA PHE A 276 18.39 -16.29 12.82
C PHE A 276 16.96 -15.87 13.08
N LEU A 277 15.97 -16.65 12.61
CA LEU A 277 14.58 -16.24 12.76
C LEU A 277 13.69 -17.47 12.84
N VAL A 278 12.63 -17.34 13.62
CA VAL A 278 11.55 -18.33 13.69
C VAL A 278 10.24 -17.58 13.48
N CYS A 279 9.42 -18.06 12.54
CA CYS A 279 8.15 -17.42 12.22
C CYS A 279 7.03 -18.43 12.49
N ALA A 280 6.35 -18.24 13.62
CA ALA A 280 5.15 -19.01 13.94
C ALA A 280 3.92 -18.27 13.42
N THR A 281 2.81 -18.99 13.30
CA THR A 281 1.58 -18.45 12.76
C THR A 281 0.46 -18.65 13.77
N SER A 282 -0.15 -17.54 14.20
CA SER A 282 -1.29 -17.58 15.12
C SER A 282 -2.56 -17.36 14.30
N GLY A 283 -2.99 -18.42 13.61
CA GLY A 283 -4.19 -18.35 12.79
C GLY A 283 -3.87 -18.48 11.31
N THR A 284 -3.62 -19.71 10.85
CA THR A 284 -3.28 -19.92 9.46
C THR A 284 -4.48 -19.57 8.57
N THR A 285 -4.19 -19.44 7.26
CA THR A 285 -5.19 -18.94 6.32
C THR A 285 -6.25 -20.00 6.04
N VAL A 286 -5.82 -21.22 5.76
CA VAL A 286 -6.74 -22.30 5.40
C VAL A 286 -7.44 -22.83 6.65
N LEU A 287 -6.68 -23.50 7.52
CA LEU A 287 -7.27 -24.22 8.63
C LEU A 287 -7.52 -23.35 9.85
N GLY A 288 -6.85 -22.22 9.96
CA GLY A 288 -6.97 -21.37 11.14
C GLY A 288 -6.31 -21.95 12.38
N ALA A 289 -5.17 -22.62 12.21
CA ALA A 289 -4.44 -23.20 13.32
C ALA A 289 -3.68 -22.12 14.10
N PHE A 290 -3.21 -22.49 15.29
CA PHE A 290 -2.50 -21.57 16.18
C PHE A 290 -1.30 -22.32 16.76
N ASP A 291 -0.11 -22.00 16.23
CA ASP A 291 1.12 -22.60 16.76
C ASP A 291 1.22 -22.33 18.26
N PRO A 292 1.91 -23.21 19.00
CA PRO A 292 2.05 -23.00 20.45
C PRO A 292 3.17 -22.02 20.78
N LEU A 293 2.81 -20.77 21.06
CA LEU A 293 3.81 -19.72 21.15
C LEU A 293 4.67 -19.87 22.40
N ASP A 294 4.11 -20.39 23.49
CA ASP A 294 4.88 -20.50 24.74
C ASP A 294 5.99 -21.54 24.62
N GLU A 295 5.72 -22.67 23.96
CA GLU A 295 6.76 -23.69 23.78
C GLU A 295 7.70 -23.37 22.63
N ILE A 296 7.28 -22.56 21.66
CA ILE A 296 8.20 -22.11 20.63
C ILE A 296 9.12 -21.03 21.17
N ALA A 297 8.56 -20.10 21.95
CA ALA A 297 9.38 -19.05 22.55
C ALA A 297 10.50 -19.64 23.39
N GLU A 298 10.20 -20.69 24.16
CA GLU A 298 11.24 -21.33 24.97
C GLU A 298 12.36 -21.89 24.11
N VAL A 299 12.06 -22.26 22.87
CA VAL A 299 13.10 -22.79 21.98
C VAL A 299 13.89 -21.65 21.36
N CYS A 300 13.22 -20.54 21.03
CA CYS A 300 13.93 -19.39 20.48
C CYS A 300 14.82 -18.74 21.52
N GLU A 301 14.42 -18.78 22.79
CA GLU A 301 15.21 -18.16 23.86
C GLU A 301 16.43 -18.99 24.24
N ARG A 302 16.39 -20.31 24.01
CA ARG A 302 17.55 -21.14 24.30
C ARG A 302 18.68 -20.90 23.29
N HIS A 303 18.35 -20.46 22.08
CA HIS A 303 19.33 -20.24 21.03
C HIS A 303 19.44 -18.79 20.61
N GLY A 304 18.67 -17.89 21.20
CA GLY A 304 18.72 -16.48 20.84
C GLY A 304 18.36 -16.26 19.38
N LEU A 305 17.13 -16.59 19.02
CA LEU A 305 16.61 -16.37 17.67
C LEU A 305 15.40 -15.46 17.76
N TRP A 306 15.34 -14.46 16.89
CA TRP A 306 14.15 -13.63 16.77
C TRP A 306 12.93 -14.53 16.65
N LEU A 307 11.84 -14.13 17.30
CA LEU A 307 10.57 -14.84 17.20
C LEU A 307 9.53 -13.89 16.63
N HIS A 308 9.05 -14.21 15.43
CA HIS A 308 8.02 -13.42 14.76
C HIS A 308 6.74 -14.23 14.67
N VAL A 309 5.63 -13.62 15.03
CA VAL A 309 4.33 -14.27 15.02
C VAL A 309 3.50 -13.65 13.92
N ASP A 310 3.09 -14.46 12.94
CA ASP A 310 2.22 -14.00 11.87
C ASP A 310 0.78 -14.13 12.36
N ALA A 311 0.31 -13.09 13.02
CA ALA A 311 -1.06 -13.03 13.52
C ALA A 311 -1.95 -12.16 12.64
N SER A 312 -1.64 -12.11 11.34
CA SER A 312 -2.45 -11.32 10.41
C SER A 312 -3.92 -11.68 10.51
N TRP A 313 -4.22 -12.95 10.79
CA TRP A 313 -5.59 -13.44 10.82
C TRP A 313 -6.09 -13.63 12.25
N GLY A 314 -5.39 -14.44 13.04
CA GLY A 314 -5.79 -14.68 14.42
C GLY A 314 -5.43 -13.57 15.39
N GLY A 315 -4.70 -12.55 14.94
CA GLY A 315 -4.32 -11.47 15.83
C GLY A 315 -5.52 -10.80 16.49
N SER A 316 -6.62 -10.67 15.74
CA SER A 316 -7.82 -10.02 16.27
C SER A 316 -8.44 -10.79 17.42
N ALA A 317 -8.06 -12.05 17.64
CA ALA A 317 -8.57 -12.80 18.76
C ALA A 317 -8.05 -12.28 20.09
N LEU A 318 -6.97 -11.50 20.09
CA LEU A 318 -6.48 -10.88 21.31
C LEU A 318 -7.50 -9.94 21.92
N VAL A 319 -8.48 -9.49 21.14
CA VAL A 319 -9.50 -8.59 21.65
C VAL A 319 -10.48 -9.35 22.56
N SER A 320 -10.62 -10.66 22.35
CA SER A 320 -11.59 -11.45 23.10
C SER A 320 -10.91 -12.08 24.31
N ARG A 321 -11.43 -11.78 25.50
CA ARG A 321 -10.94 -12.44 26.71
C ARG A 321 -11.15 -13.95 26.66
N LYS A 322 -12.21 -14.42 25.99
CA LYS A 322 -12.45 -15.85 25.92
C LYS A 322 -11.43 -16.54 25.02
N HIS A 323 -11.14 -15.96 23.86
CA HIS A 323 -10.37 -16.66 22.83
C HIS A 323 -8.93 -16.17 22.72
N ARG A 324 -8.55 -15.09 23.41
CA ARG A 324 -7.19 -14.61 23.32
C ARG A 324 -6.18 -15.62 23.87
N ARG A 325 -6.65 -16.72 24.45
CA ARG A 325 -5.75 -17.79 24.88
C ARG A 325 -5.10 -18.50 23.71
N LEU A 326 -5.72 -18.45 22.53
CA LEU A 326 -5.13 -19.04 21.34
C LEU A 326 -3.74 -18.50 21.07
N LEU A 327 -3.45 -17.28 21.51
CA LEU A 327 -2.15 -16.65 21.31
C LEU A 327 -1.40 -16.52 22.63
N HIS A 328 -1.53 -17.52 23.50
CA HIS A 328 -0.85 -17.48 24.78
C HIS A 328 0.65 -17.52 24.58
N GLY A 329 1.36 -16.60 25.22
CA GLY A 329 2.80 -16.51 25.07
C GLY A 329 3.28 -15.61 23.97
N ILE A 330 2.37 -14.89 23.30
CA ILE A 330 2.78 -13.96 22.25
C ILE A 330 3.64 -12.84 22.85
N HIS A 331 3.41 -12.51 24.12
CA HIS A 331 4.18 -11.48 24.80
C HIS A 331 5.64 -11.88 25.00
N ARG A 332 6.03 -13.10 24.61
CA ARG A 332 7.42 -13.54 24.65
C ARG A 332 8.08 -13.45 23.28
N ALA A 333 7.34 -13.07 22.25
CA ALA A 333 7.91 -12.90 20.93
C ALA A 333 8.55 -11.52 20.82
N ASP A 334 9.36 -11.35 19.76
CA ASP A 334 10.02 -10.08 19.51
C ASP A 334 9.24 -9.18 18.56
N SER A 335 8.35 -9.75 17.75
CA SER A 335 7.59 -8.94 16.80
C SER A 335 6.30 -9.66 16.45
N VAL A 336 5.29 -8.87 16.07
CA VAL A 336 3.95 -9.38 15.80
C VAL A 336 3.38 -8.66 14.59
N ALA A 337 2.79 -9.41 13.67
CA ALA A 337 2.01 -8.86 12.57
C ALA A 337 0.53 -9.08 12.86
N TRP A 338 -0.29 -8.10 12.49
CA TRP A 338 -1.71 -8.14 12.85
C TRP A 338 -2.48 -7.28 11.86
N ASN A 339 -3.41 -7.89 11.12
CA ASN A 339 -4.22 -7.19 10.13
C ASN A 339 -5.63 -6.99 10.65
N PRO A 340 -6.02 -5.78 11.06
CA PRO A 340 -7.43 -5.54 11.41
C PRO A 340 -8.37 -5.53 10.21
N HIS A 341 -7.87 -5.38 8.98
CA HIS A 341 -8.74 -5.27 7.82
C HIS A 341 -9.47 -6.58 7.54
N LYS A 342 -9.27 -7.56 8.42
CA LYS A 342 -9.85 -8.89 8.25
C LYS A 342 -10.98 -9.12 9.19
N MET A 343 -10.62 -9.56 10.40
CA MET A 343 -11.60 -10.00 11.38
C MET A 343 -12.39 -8.83 11.91
N LEU A 344 -11.76 -7.66 11.99
CA LEU A 344 -12.37 -6.47 12.56
C LEU A 344 -12.94 -5.53 11.51
N MET A 345 -12.83 -5.87 10.22
CA MET A 345 -13.51 -5.13 9.16
C MET A 345 -13.05 -3.68 9.07
N ALA A 346 -11.74 -3.47 9.22
CA ALA A 346 -11.22 -2.11 9.08
C ALA A 346 -11.26 -1.62 7.64
N GLY A 347 -11.39 -2.52 6.68
CA GLY A 347 -11.25 -2.17 5.28
C GLY A 347 -9.82 -2.28 4.80
N ILE A 348 -9.68 -2.49 3.49
CA ILE A 348 -8.38 -2.74 2.89
C ILE A 348 -7.74 -1.42 2.51
N GLN A 349 -6.43 -1.25 2.74
CA GLN A 349 -5.55 -2.20 3.44
C GLN A 349 -5.35 -1.72 4.88
N CYS A 350 -4.94 -2.62 5.77
CA CYS A 350 -4.65 -2.26 7.15
C CYS A 350 -3.94 -3.41 7.86
N SER A 351 -2.62 -3.32 7.96
CA SER A 351 -1.81 -4.34 8.60
C SER A 351 -0.71 -3.65 9.39
N ALA A 352 -0.49 -4.12 10.60
CA ALA A 352 0.44 -3.49 11.53
C ALA A 352 1.57 -4.45 11.87
N LEU A 353 2.78 -3.91 12.01
CA LEU A 353 3.92 -4.64 12.54
C LEU A 353 4.29 -4.06 13.89
N LEU A 354 4.27 -4.90 14.91
CA LEU A 354 4.59 -4.49 16.28
C LEU A 354 5.94 -5.10 16.65
N VAL A 355 6.78 -4.32 17.31
CA VAL A 355 8.13 -4.75 17.68
C VAL A 355 8.32 -4.56 19.18
N LYS A 356 9.00 -5.52 19.81
CA LYS A 356 9.23 -5.52 21.25
C LYS A 356 10.31 -4.54 21.67
N ASP A 357 10.79 -3.69 20.78
CA ASP A 357 11.90 -2.80 21.08
C ASP A 357 11.39 -1.41 21.43
N LYS A 358 12.26 -0.65 22.10
CA LYS A 358 11.97 0.75 22.42
C LYS A 358 13.18 1.63 22.14
N SER A 359 14.26 1.07 21.59
CA SER A 359 15.48 1.82 21.28
C SER A 359 15.57 2.19 19.80
N ASP A 360 14.42 2.38 19.14
CA ASP A 360 14.39 2.77 17.73
C ASP A 360 15.16 1.78 16.86
N LEU A 361 14.87 0.49 17.05
CA LEU A 361 15.45 -0.53 16.16
C LEU A 361 14.85 -0.44 14.78
N LEU A 362 13.52 -0.29 14.70
CA LEU A 362 12.87 -0.05 13.42
C LEU A 362 13.56 1.08 12.66
N LYS A 363 13.80 2.19 13.36
CA LYS A 363 14.49 3.32 12.74
C LYS A 363 15.91 2.94 12.34
N LYS A 364 16.74 2.54 13.31
CA LYS A 364 18.12 2.17 13.04
C LYS A 364 18.25 1.25 11.83
N CYS A 365 17.20 0.47 11.55
CA CYS A 365 17.25 -0.55 10.51
C CYS A 365 16.77 -0.03 9.15
N TYR A 366 15.74 0.81 9.13
CA TYR A 366 15.15 1.29 7.89
C TYR A 366 15.46 2.77 7.64
N SER A 367 16.61 3.21 8.14
CA SER A 367 17.00 4.60 8.00
C SER A 367 17.80 4.81 6.74
N ALA A 368 17.64 5.99 6.15
CA ALA A 368 18.42 6.41 5.01
C ALA A 368 18.64 7.92 5.07
N LYS A 369 18.58 8.47 6.28
CA LYS A 369 18.58 9.90 6.58
C LYS A 369 18.84 10.77 5.36
N ALA A 370 17.98 10.65 4.36
CA ALA A 370 18.01 11.48 3.16
C ALA A 370 17.02 12.62 3.33
N THR A 371 17.47 13.84 3.03
CA THR A 371 16.70 15.03 3.36
C THR A 371 16.07 15.66 2.11
N ASP A 377 16.17 18.93 12.77
CA ASP A 377 16.35 20.25 12.17
C ASP A 377 15.29 21.25 12.60
N LYS A 378 14.73 21.08 13.79
CA LYS A 378 13.76 22.03 14.31
C LYS A 378 12.52 21.98 13.42
N PHE A 379 11.38 22.52 13.87
CA PHE A 379 11.23 23.32 15.08
C PHE A 379 10.24 22.69 16.04
N TYR A 380 10.01 21.39 15.86
CA TYR A 380 9.15 20.62 16.73
C TYR A 380 9.84 19.30 17.01
N ASP A 381 9.30 18.57 17.99
CA ASP A 381 9.87 17.27 18.33
C ASP A 381 9.80 16.34 17.13
N VAL A 382 10.95 16.11 16.48
CA VAL A 382 11.02 15.24 15.32
C VAL A 382 10.72 13.78 15.67
N SER A 383 10.69 13.45 16.96
CA SER A 383 10.37 12.09 17.38
C SER A 383 9.05 11.62 16.79
N TYR A 384 8.12 12.54 16.53
CA TYR A 384 6.79 12.19 16.05
C TYR A 384 6.75 11.89 14.56
N ASP A 385 7.89 11.92 13.87
CA ASP A 385 7.97 11.47 12.49
C ASP A 385 8.21 9.96 12.43
N THR A 386 7.75 9.35 11.33
CA THR A 386 7.91 7.91 11.12
C THR A 386 8.44 7.58 9.73
N GLY A 387 8.89 8.59 8.97
CA GLY A 387 9.34 8.35 7.61
C GLY A 387 10.50 7.38 7.50
N ASP A 388 11.30 7.23 8.54
CA ASP A 388 12.48 6.37 8.51
C ASP A 388 12.31 5.10 9.34
N LYS A 389 11.07 4.72 9.64
CA LYS A 389 10.79 3.42 10.23
C LYS A 389 10.32 2.39 9.20
N SER A 390 9.92 2.84 8.02
CA SER A 390 9.30 2.00 7.01
C SER A 390 10.23 1.78 5.82
N ILE A 391 9.88 0.78 5.02
CA ILE A 391 10.53 0.59 3.73
C ILE A 391 9.93 1.51 2.68
N GLN A 392 8.75 2.05 2.95
CA GLN A 392 8.04 2.94 2.05
C GLN A 392 8.45 4.39 2.28
N CYS A 393 8.33 5.20 1.23
CA CYS A 393 8.47 6.64 1.39
C CYS A 393 7.10 7.23 1.72
N SER A 394 6.28 7.48 0.71
CA SER A 394 4.90 7.88 0.95
C SER A 394 4.14 6.75 1.63
N ARG A 395 3.10 7.12 2.38
CA ARG A 395 2.35 6.14 3.14
C ARG A 395 1.00 6.73 3.53
N ARG A 396 0.00 5.87 3.55
CA ARG A 396 -1.38 6.22 3.87
C ARG A 396 -1.67 5.97 5.35
N PRO A 397 -2.66 6.69 5.93
CA PRO A 397 -3.04 6.42 7.32
C PRO A 397 -3.98 5.21 7.47
N ASP A 398 -3.44 4.03 7.16
CA ASP A 398 -4.24 2.81 7.27
C ASP A 398 -4.86 2.66 8.65
N ALA A 399 -4.16 3.13 9.70
CA ALA A 399 -4.58 2.92 11.07
C ALA A 399 -5.73 3.84 11.50
N PHE A 400 -6.09 4.84 10.71
CA PHE A 400 -7.11 5.78 11.13
C PHE A 400 -8.49 5.15 11.12
N LYS A 401 -8.81 4.42 10.05
CA LYS A 401 -10.11 3.77 9.95
C LYS A 401 -10.36 2.81 11.10
N PHE A 402 -9.34 2.01 11.46
CA PHE A 402 -9.46 1.14 12.62
C PHE A 402 -9.74 1.96 13.89
N TRP A 403 -8.95 3.01 14.09
CA TRP A 403 -9.17 3.91 15.22
C TRP A 403 -10.61 4.39 15.29
N MET A 404 -11.20 4.72 14.14
CA MET A 404 -12.58 5.17 14.12
C MET A 404 -13.52 4.09 14.61
N THR A 405 -13.23 2.83 14.25
CA THR A 405 -14.05 1.72 14.73
C THR A 405 -13.91 1.55 16.23
N TRP A 406 -12.67 1.48 16.71
CA TRP A 406 -12.43 1.26 18.13
C TRP A 406 -13.07 2.34 18.99
N LYS A 407 -13.02 3.58 18.51
CA LYS A 407 -13.71 4.67 19.20
C LYS A 407 -15.22 4.45 19.21
N ALA A 408 -15.77 4.04 18.07
CA ALA A 408 -17.23 3.95 17.93
C ALA A 408 -17.79 2.74 18.65
N LEU A 409 -16.99 1.68 18.83
CA LEU A 409 -17.45 0.45 19.43
C LEU A 409 -16.80 0.14 20.77
N GLY A 410 -15.69 0.79 21.10
CA GLY A 410 -14.94 0.46 22.30
C GLY A 410 -14.35 -0.93 22.24
N THR A 411 -13.44 -1.25 23.16
CA THR A 411 -12.90 -2.61 23.23
C THR A 411 -14.00 -3.62 23.45
N SER A 412 -15.06 -3.23 24.17
CA SER A 412 -16.17 -4.15 24.44
C SER A 412 -16.88 -4.53 23.15
N GLY A 413 -17.14 -3.55 22.28
CA GLY A 413 -17.82 -3.85 21.03
C GLY A 413 -16.99 -4.74 20.12
N LEU A 414 -15.67 -4.51 20.07
CA LEU A 414 -14.82 -5.36 19.26
C LEU A 414 -14.76 -6.78 19.82
N GLU A 415 -14.72 -6.91 21.14
CA GLU A 415 -14.73 -8.24 21.76
C GLU A 415 -15.98 -9.01 21.38
N GLU A 416 -17.15 -8.38 21.48
CA GLU A 416 -18.41 -9.07 21.20
C GLU A 416 -18.47 -9.49 19.74
N ARG A 417 -18.00 -8.65 18.83
CA ARG A 417 -18.03 -8.98 17.41
C ARG A 417 -17.18 -10.21 17.12
N VAL A 418 -16.00 -10.31 17.73
CA VAL A 418 -15.13 -11.46 17.53
C VAL A 418 -15.80 -12.73 18.05
N ASN A 419 -16.40 -12.65 19.24
CA ASN A 419 -17.01 -13.84 19.84
C ASN A 419 -18.15 -14.37 18.97
N ARG A 420 -18.98 -13.48 18.45
CA ARG A 420 -20.12 -13.93 17.65
C ARG A 420 -19.65 -14.73 16.43
N ALA A 421 -18.53 -14.33 15.83
CA ALA A 421 -17.97 -15.12 14.74
C ALA A 421 -17.63 -16.53 15.22
N PHE A 422 -17.04 -16.65 16.41
CA PHE A 422 -16.74 -17.97 16.97
C PHE A 422 -18.01 -18.79 17.16
N ALA A 423 -19.06 -18.16 17.71
CA ALA A 423 -20.33 -18.87 17.89
C ALA A 423 -20.90 -19.32 16.56
N LEU A 424 -21.02 -18.39 15.61
CA LEU A 424 -21.53 -18.76 14.29
C LEU A 424 -20.69 -19.84 13.64
N SER A 425 -19.37 -19.83 13.87
CA SER A 425 -18.53 -20.93 13.42
C SER A 425 -18.97 -22.24 14.04
N ARG A 426 -18.99 -22.30 15.38
CA ARG A 426 -19.34 -23.53 16.07
C ARG A 426 -20.78 -23.93 15.82
N TYR A 427 -21.65 -22.97 15.47
CA TYR A 427 -23.01 -23.33 15.06
C TYR A 427 -22.98 -24.07 13.73
N LEU A 428 -22.35 -23.48 12.71
CA LEU A 428 -22.22 -24.15 11.43
C LEU A 428 -21.55 -25.51 11.59
N VAL A 429 -20.56 -25.61 12.47
CA VAL A 429 -19.90 -26.89 12.73
C VAL A 429 -20.91 -27.90 13.24
N ASP A 430 -21.61 -27.55 14.33
CA ASP A 430 -22.61 -28.47 14.88
C ASP A 430 -23.69 -28.79 13.85
N GLU A 431 -24.02 -27.83 12.98
CA GLU A 431 -25.01 -28.08 11.94
C GLU A 431 -24.48 -28.95 10.82
N ILE A 432 -23.18 -28.85 10.52
CA ILE A 432 -22.60 -29.67 9.48
C ILE A 432 -22.63 -31.14 9.90
N LYS A 433 -22.36 -31.41 11.17
CA LYS A 433 -22.36 -32.80 11.64
C LYS A 433 -23.76 -33.40 11.58
N LYS A 434 -24.80 -32.59 11.77
CA LYS A 434 -26.16 -33.08 11.65
C LYS A 434 -26.47 -33.54 10.22
N ARG A 435 -25.84 -32.91 9.23
CA ARG A 435 -26.14 -33.17 7.83
C ARG A 435 -25.25 -34.28 7.28
N GLU A 436 -25.77 -34.97 6.27
CA GLU A 436 -25.05 -36.03 5.58
C GLU A 436 -24.64 -35.56 4.20
N GLY A 437 -23.44 -35.95 3.77
CA GLY A 437 -22.81 -35.39 2.59
C GLY A 437 -21.81 -34.31 2.89
N PHE A 438 -21.67 -33.90 4.15
CA PHE A 438 -20.72 -32.88 4.58
C PHE A 438 -19.75 -33.53 5.55
N LYS A 439 -18.49 -33.69 5.12
CA LYS A 439 -17.44 -34.23 5.96
C LYS A 439 -16.56 -33.09 6.45
N LEU A 440 -16.40 -32.98 7.77
CA LEU A 440 -15.57 -31.96 8.37
C LEU A 440 -14.14 -32.47 8.51
N LEU A 441 -13.18 -31.69 8.00
CA LEU A 441 -11.78 -32.08 8.08
C LEU A 441 -11.31 -32.19 9.53
N MET A 442 -11.80 -31.32 10.40
CA MET A 442 -11.36 -31.29 11.79
C MET A 442 -12.18 -30.24 12.53
N GLU A 443 -12.17 -30.33 13.85
CA GLU A 443 -12.78 -29.29 14.66
C GLU A 443 -11.97 -28.01 14.50
N PRO A 444 -12.58 -26.89 14.13
CA PRO A 444 -11.79 -25.67 13.90
C PRO A 444 -11.31 -25.07 15.21
N GLU A 445 -10.08 -24.56 15.18
CA GLU A 445 -9.55 -23.81 16.30
C GLU A 445 -9.89 -22.33 16.22
N TYR A 446 -10.32 -21.86 15.05
CA TYR A 446 -10.68 -20.47 14.83
C TYR A 446 -12.06 -20.40 14.18
N THR A 447 -12.24 -19.54 13.18
CA THR A 447 -13.47 -19.48 12.41
C THR A 447 -13.30 -20.05 10.99
N ASN A 448 -12.29 -20.89 10.80
CA ASN A 448 -12.02 -21.52 9.50
C ASN A 448 -12.66 -22.89 9.51
N VAL A 449 -13.87 -22.99 8.98
CA VAL A 449 -14.63 -24.24 8.95
C VAL A 449 -14.34 -24.92 7.61
N CYS A 450 -13.52 -25.97 7.64
CA CYS A 450 -13.12 -26.68 6.43
C CYS A 450 -13.90 -27.98 6.32
N PHE A 451 -14.57 -28.18 5.19
CA PHE A 451 -15.38 -29.37 4.99
C PHE A 451 -15.41 -29.74 3.52
N TRP A 452 -15.60 -31.02 3.26
CA TRP A 452 -15.93 -31.51 1.92
C TRP A 452 -17.44 -31.54 1.74
N TYR A 453 -17.87 -31.53 0.49
CA TYR A 453 -19.23 -31.89 0.13
C TYR A 453 -19.18 -33.12 -0.75
N ILE A 454 -19.83 -34.19 -0.31
CA ILE A 454 -19.80 -35.48 -1.01
C ILE A 454 -21.15 -35.63 -1.71
N PRO A 455 -21.23 -35.48 -3.03
CA PRO A 455 -22.52 -35.68 -3.71
C PRO A 455 -23.08 -37.06 -3.40
N PRO A 456 -24.37 -37.29 -3.65
CA PRO A 456 -24.95 -38.59 -3.30
C PRO A 456 -24.31 -39.75 -4.06
N SER A 457 -23.92 -39.53 -5.31
CA SER A 457 -23.34 -40.61 -6.12
C SER A 457 -22.08 -41.20 -5.48
N LEU A 458 -21.37 -40.45 -4.64
CA LEU A 458 -20.12 -40.92 -4.05
C LEU A 458 -20.24 -41.26 -2.57
N ARG A 459 -21.45 -41.19 -1.98
CA ARG A 459 -21.58 -41.52 -0.57
C ARG A 459 -21.54 -43.02 -0.30
N GLU A 460 -21.95 -43.84 -1.26
CA GLU A 460 -21.96 -45.29 -1.11
C GLU A 460 -20.67 -45.93 -1.60
N MET A 461 -19.68 -45.12 -1.97
CA MET A 461 -18.38 -45.61 -2.42
C MET A 461 -17.49 -45.95 -1.21
N GLU A 462 -16.26 -46.35 -1.49
CA GLU A 462 -15.27 -46.67 -0.48
C GLU A 462 -14.19 -45.59 -0.46
N GLU A 463 -13.61 -45.36 0.72
CA GLU A 463 -12.61 -44.32 0.89
C GLU A 463 -11.29 -44.67 0.21
N GLY A 464 -11.31 -44.84 -1.11
CA GLY A 464 -10.12 -45.17 -1.85
C GLY A 464 -9.66 -44.04 -2.74
N PRO A 465 -8.48 -44.18 -3.36
CA PRO A 465 -7.99 -43.14 -4.28
C PRO A 465 -9.04 -42.61 -5.25
N GLU A 466 -9.66 -43.50 -6.04
CA GLU A 466 -10.64 -43.06 -7.02
C GLU A 466 -11.73 -42.20 -6.40
N PHE A 467 -12.01 -42.41 -5.10
CA PHE A 467 -13.03 -41.60 -4.43
C PHE A 467 -12.60 -40.13 -4.36
N TRP A 468 -11.38 -39.89 -3.88
CA TRP A 468 -10.88 -38.52 -3.79
C TRP A 468 -10.80 -37.87 -5.16
N ARG A 469 -10.22 -38.57 -6.14
CA ARG A 469 -10.05 -38.03 -7.49
C ARG A 469 -11.34 -37.51 -8.08
N LYS A 470 -12.48 -38.09 -7.70
CA LYS A 470 -13.76 -37.57 -8.16
C LYS A 470 -14.27 -36.48 -7.23
N LEU A 471 -14.07 -36.65 -5.92
CA LEU A 471 -14.40 -35.61 -4.96
C LEU A 471 -13.67 -34.31 -5.28
N SER A 472 -12.52 -34.40 -5.96
CA SER A 472 -11.73 -33.20 -6.27
C SER A 472 -12.54 -32.22 -7.13
N LEU A 473 -13.21 -32.72 -8.16
CA LEU A 473 -13.91 -31.86 -9.11
C LEU A 473 -15.29 -31.43 -8.62
N VAL A 474 -15.63 -31.73 -7.37
CA VAL A 474 -16.93 -31.32 -6.84
C VAL A 474 -16.91 -29.86 -6.45
N ALA A 475 -15.97 -29.47 -5.59
CA ALA A 475 -15.88 -28.09 -5.14
C ALA A 475 -15.77 -27.11 -6.29
N PRO A 476 -14.87 -27.29 -7.27
CA PRO A 476 -14.80 -26.33 -8.38
C PRO A 476 -16.10 -26.20 -9.15
N ALA A 477 -16.87 -27.28 -9.27
CA ALA A 477 -18.13 -27.23 -10.01
C ALA A 477 -19.26 -26.65 -9.18
N ILE A 478 -19.25 -26.89 -7.87
CA ILE A 478 -20.24 -26.24 -7.00
C ILE A 478 -19.94 -24.76 -6.88
N LYS A 479 -18.67 -24.37 -7.00
CA LYS A 479 -18.31 -22.95 -6.97
C LYS A 479 -18.68 -22.27 -8.28
N GLU A 480 -18.50 -22.97 -9.40
CA GLU A 480 -18.84 -22.39 -10.69
C GLU A 480 -20.31 -21.99 -10.76
N LYS A 481 -21.19 -22.80 -10.17
CA LYS A 481 -22.63 -22.52 -10.24
C LYS A 481 -23.01 -21.37 -9.33
N MET A 482 -22.56 -21.39 -8.06
CA MET A 482 -22.94 -20.33 -7.14
C MET A 482 -22.42 -18.98 -7.60
N MET A 483 -21.34 -18.97 -8.38
CA MET A 483 -20.87 -17.71 -8.97
C MET A 483 -21.74 -17.29 -10.13
N LYS A 484 -22.29 -18.25 -10.87
CA LYS A 484 -23.23 -17.93 -11.93
C LYS A 484 -24.61 -17.62 -11.38
N LYS A 485 -24.97 -18.26 -10.27
CA LYS A 485 -26.21 -17.93 -9.59
C LYS A 485 -26.12 -16.58 -8.90
N GLY A 486 -24.94 -16.23 -8.39
CA GLY A 486 -24.78 -15.00 -7.65
C GLY A 486 -25.34 -15.04 -6.25
N SER A 487 -25.50 -16.23 -5.66
CA SER A 487 -26.14 -16.37 -4.37
C SER A 487 -25.17 -16.72 -3.23
N LEU A 488 -23.94 -17.11 -3.56
CA LEU A 488 -22.98 -17.46 -2.52
C LEU A 488 -21.57 -17.30 -3.08
N MET A 489 -20.61 -17.17 -2.17
CA MET A 489 -19.20 -17.22 -2.56
C MET A 489 -18.39 -17.61 -1.32
N LEU A 490 -17.86 -18.83 -1.32
CA LEU A 490 -16.89 -19.25 -0.34
C LEU A 490 -15.72 -19.90 -1.07
N GLY A 491 -14.59 -19.99 -0.37
CA GLY A 491 -13.36 -20.50 -0.97
C GLY A 491 -13.24 -22.01 -0.90
N TYR A 492 -12.75 -22.58 -2.00
CA TYR A 492 -12.33 -23.97 -2.07
C TYR A 492 -10.88 -24.02 -2.49
N GLN A 493 -10.11 -24.95 -1.93
CA GLN A 493 -8.71 -25.06 -2.30
C GLN A 493 -8.18 -26.41 -1.84
N PRO A 494 -7.17 -26.95 -2.52
CA PRO A 494 -6.45 -28.10 -1.97
C PRO A 494 -5.53 -27.63 -0.84
N HIS A 495 -4.94 -28.59 -0.13
CA HIS A 495 -4.07 -28.20 0.97
C HIS A 495 -3.12 -29.32 1.34
N ARG A 496 -1.82 -29.09 1.16
CA ARG A 496 -0.75 -29.89 1.74
C ARG A 496 -0.99 -31.39 1.55
N GLY A 497 -1.77 -31.76 0.54
CA GLY A 497 -2.08 -33.14 0.24
C GLY A 497 -3.56 -33.46 0.35
N LYS A 498 -4.32 -32.65 1.09
CA LYS A 498 -5.77 -32.76 1.07
C LYS A 498 -6.26 -32.29 -0.28
N VAL A 499 -7.30 -32.93 -0.80
CA VAL A 499 -7.83 -32.57 -2.10
C VAL A 499 -8.91 -31.50 -1.92
N ASN A 500 -9.26 -30.84 -3.02
CA ASN A 500 -10.21 -29.72 -3.02
C ASN A 500 -11.30 -29.85 -1.97
N PHE A 501 -11.31 -28.94 -1.00
CA PHE A 501 -12.36 -28.85 -0.01
C PHE A 501 -12.75 -27.39 0.17
N PHE A 502 -13.91 -27.18 0.79
CA PHE A 502 -14.38 -25.82 1.04
C PHE A 502 -13.76 -25.27 2.31
N ARG A 503 -13.56 -23.95 2.33
CA ARG A 503 -13.15 -23.22 3.52
C ARG A 503 -14.11 -22.09 3.76
N GLN A 504 -14.62 -22.00 4.98
CA GLN A 504 -15.55 -20.96 5.38
C GLN A 504 -14.90 -20.05 6.42
N VAL A 505 -15.21 -18.75 6.33
CA VAL A 505 -14.64 -17.74 7.21
C VAL A 505 -15.78 -16.88 7.72
N VAL A 506 -16.03 -16.93 9.03
CA VAL A 506 -17.06 -16.12 9.67
C VAL A 506 -16.41 -14.84 10.17
N ILE A 507 -16.89 -13.69 9.70
CA ILE A 507 -16.31 -12.41 10.08
C ILE A 507 -17.41 -11.39 10.35
N SER A 508 -18.17 -11.05 9.32
CA SER A 508 -19.13 -9.96 9.44
C SER A 508 -20.14 -10.27 10.54
N PRO A 509 -20.45 -9.31 11.42
CA PRO A 509 -21.54 -9.50 12.37
C PRO A 509 -22.93 -9.32 11.78
N GLN A 510 -23.03 -9.12 10.47
CA GLN A 510 -24.31 -9.09 9.79
C GLN A 510 -24.81 -10.49 9.43
N VAL A 511 -23.91 -11.49 9.46
CA VAL A 511 -24.28 -12.86 9.16
C VAL A 511 -25.22 -13.39 10.24
N SER A 512 -26.26 -14.10 9.80
CA SER A 512 -27.25 -14.70 10.68
C SER A 512 -27.24 -16.21 10.55
N ARG A 513 -27.86 -16.90 11.52
CA ARG A 513 -28.03 -18.34 11.40
C ARG A 513 -28.65 -18.70 10.07
N GLU A 514 -29.62 -17.90 9.62
CA GLU A 514 -30.27 -18.15 8.34
C GLU A 514 -29.27 -18.07 7.20
N ASP A 515 -28.18 -17.33 7.38
CA ASP A 515 -27.10 -17.31 6.39
C ASP A 515 -26.20 -18.54 6.48
N MET A 516 -26.18 -19.22 7.64
CA MET A 516 -25.46 -20.48 7.74
C MET A 516 -26.29 -21.66 7.27
N ASP A 517 -27.57 -21.71 7.67
CA ASP A 517 -28.44 -22.76 7.15
C ASP A 517 -28.51 -22.68 5.63
N PHE A 518 -28.57 -21.48 5.08
CA PHE A 518 -28.59 -21.31 3.63
C PHE A 518 -27.29 -21.76 2.99
N LEU A 519 -26.16 -21.56 3.69
CA LEU A 519 -24.88 -22.02 3.17
C LEU A 519 -24.92 -23.51 2.84
N LEU A 520 -25.33 -24.33 3.81
CA LEU A 520 -25.37 -25.77 3.59
C LEU A 520 -26.54 -26.17 2.70
N ASP A 521 -27.69 -25.49 2.85
CA ASP A 521 -28.81 -25.75 1.96
C ASP A 521 -28.44 -25.44 0.51
N GLU A 522 -27.65 -24.40 0.30
CA GLU A 522 -27.29 -23.98 -1.06
C GLU A 522 -26.26 -24.93 -1.67
N ILE A 523 -25.17 -25.20 -0.95
CA ILE A 523 -24.17 -26.13 -1.45
C ILE A 523 -24.80 -27.48 -1.75
N ASP A 524 -25.59 -27.99 -0.82
CA ASP A 524 -26.29 -29.26 -1.04
C ASP A 524 -27.13 -29.19 -2.32
N SER A 525 -27.91 -28.11 -2.47
CA SER A 525 -28.78 -27.99 -3.63
C SER A 525 -27.98 -27.99 -4.93
N LEU A 526 -26.85 -27.27 -4.95
CA LEU A 526 -26.08 -27.13 -6.17
C LEU A 526 -25.28 -28.38 -6.53
N GLY A 527 -25.05 -29.28 -5.58
CA GLY A 527 -24.24 -30.46 -5.84
C GLY A 527 -24.98 -31.78 -5.65
N ARG A 528 -26.30 -31.73 -5.45
CA ARG A 528 -27.05 -32.96 -5.26
C ARG A 528 -27.08 -33.81 -6.52
N ASP A 529 -27.05 -33.17 -7.69
CA ASP A 529 -27.18 -33.88 -8.97
C ASP A 529 -25.83 -34.08 -9.65
N MET A 530 -24.77 -34.27 -8.85
CA MET A 530 -23.43 -34.43 -9.36
C MET A 530 -22.93 -35.86 -9.16
N VAL B 39 -36.03 -17.02 17.02
CA VAL B 39 -34.98 -17.11 18.02
C VAL B 39 -35.07 -18.47 18.70
N ASP B 40 -34.03 -18.93 19.41
CA ASP B 40 -32.71 -18.30 19.52
C ASP B 40 -31.63 -19.40 19.57
N GLY B 41 -30.50 -19.14 20.25
CA GLY B 41 -29.42 -20.10 20.29
C GLY B 41 -28.37 -19.68 21.30
N VAL B 42 -27.29 -20.47 21.34
CA VAL B 42 -26.11 -20.16 22.15
C VAL B 42 -24.94 -19.93 21.20
N VAL B 43 -24.08 -18.95 21.51
CA VAL B 43 -24.21 -18.08 22.67
C VAL B 43 -24.96 -16.80 22.31
N LEU B 44 -26.25 -16.96 22.00
CA LEU B 44 -27.20 -15.86 21.85
C LEU B 44 -27.13 -15.24 20.46
N ASN B 45 -28.22 -15.34 19.70
CA ASN B 45 -28.19 -14.98 18.29
C ASN B 45 -29.35 -14.06 17.93
N GLY B 46 -29.10 -13.22 16.92
CA GLY B 46 -30.09 -12.35 16.35
C GLY B 46 -29.52 -11.64 15.14
N PRO B 47 -29.57 -10.30 15.16
CA PRO B 47 -28.61 -9.52 14.36
C PRO B 47 -27.86 -8.49 15.20
N GLN B 48 -28.42 -8.16 16.38
CA GLN B 48 -27.87 -7.22 17.36
C GLN B 48 -27.40 -5.86 16.84
N THR B 49 -27.60 -5.54 15.57
CA THR B 49 -26.95 -4.38 14.99
C THR B 49 -27.89 -3.19 14.89
N ASP B 50 -27.32 -1.99 14.98
CA ASP B 50 -28.04 -0.73 14.83
C ASP B 50 -27.70 -0.12 13.48
N VAL B 51 -27.98 -0.87 12.41
CA VAL B 51 -27.60 -0.47 11.06
C VAL B 51 -28.10 0.93 10.72
N LYS B 52 -29.43 1.08 10.62
CA LYS B 52 -30.01 2.32 10.08
C LYS B 52 -29.41 3.57 10.71
N ALA B 53 -28.93 3.46 11.95
CA ALA B 53 -28.18 4.56 12.55
C ALA B 53 -26.76 4.63 12.00
N GLY B 54 -26.03 3.51 12.06
CA GLY B 54 -24.70 3.46 11.50
C GLY B 54 -24.63 3.87 10.04
N GLU B 55 -25.74 3.74 9.31
CA GLU B 55 -25.76 4.16 7.92
C GLU B 55 -25.82 5.68 7.80
N LYS B 56 -26.41 6.33 8.79
CA LYS B 56 -26.47 7.79 8.80
C LYS B 56 -25.08 8.38 9.00
N PHE B 57 -24.28 7.79 9.88
CA PHE B 57 -22.91 8.25 10.09
C PHE B 57 -22.14 8.31 8.77
N VAL B 58 -22.45 7.43 7.83
CA VAL B 58 -21.79 7.47 6.52
C VAL B 58 -22.31 8.66 5.71
N GLU B 59 -23.63 8.86 5.69
CA GLU B 59 -24.18 10.00 4.99
C GLU B 59 -23.69 11.31 5.60
N GLU B 60 -23.60 11.35 6.93
CA GLU B 60 -23.15 12.57 7.59
C GLU B 60 -21.67 12.84 7.32
N ALA B 61 -20.86 11.78 7.22
CA ALA B 61 -19.46 11.95 6.87
C ALA B 61 -19.32 12.45 5.43
N CYS B 62 -20.15 11.93 4.53
CA CYS B 62 -20.13 12.41 3.15
C CYS B 62 -20.29 13.92 3.07
N ARG B 63 -21.24 14.47 3.83
CA ARG B 63 -21.47 15.90 3.80
C ARG B 63 -20.28 16.68 4.33
N LEU B 64 -19.65 16.20 5.41
CA LEU B 64 -18.41 16.83 5.88
C LEU B 64 -17.42 16.95 4.75
N ILE B 65 -17.26 15.89 3.96
CA ILE B 65 -16.37 15.93 2.81
C ILE B 65 -16.78 17.05 1.87
N MET B 66 -18.06 17.09 1.51
CA MET B 66 -18.54 18.12 0.62
C MET B 66 -18.36 19.50 1.24
N GLU B 67 -18.98 19.72 2.40
CA GLU B 67 -18.96 21.05 3.01
C GLU B 67 -17.53 21.49 3.32
N GLU B 68 -16.78 20.64 4.01
CA GLU B 68 -15.53 21.05 4.65
C GLU B 68 -14.29 20.74 3.83
N VAL B 69 -14.42 20.09 2.68
CA VAL B 69 -13.25 19.72 1.89
C VAL B 69 -13.48 20.04 0.42
N VAL B 70 -14.45 19.38 -0.20
CA VAL B 70 -14.61 19.49 -1.65
C VAL B 70 -14.94 20.93 -2.05
N LEU B 71 -15.92 21.53 -1.38
CA LEU B 71 -16.37 22.85 -1.82
C LEU B 71 -15.44 23.95 -1.35
N LYS B 72 -14.72 23.73 -0.25
CA LYS B 72 -13.72 24.66 0.23
C LYS B 72 -12.33 24.34 -0.33
N ALA B 73 -12.27 23.42 -1.31
CA ALA B 73 -10.97 22.97 -1.83
C ALA B 73 -10.26 24.08 -2.58
N THR B 74 -11.01 24.86 -3.35
CA THR B 74 -10.44 25.89 -4.22
C THR B 74 -10.38 27.26 -3.56
N ASP B 75 -10.86 27.39 -2.33
CA ASP B 75 -10.91 28.67 -1.64
C ASP B 75 -9.52 28.99 -1.11
N VAL B 76 -8.85 29.96 -1.73
CA VAL B 76 -7.52 30.36 -1.27
C VAL B 76 -7.62 31.01 0.09
N ASN B 77 -8.80 31.51 0.46
CA ASN B 77 -9.04 32.26 1.67
C ASN B 77 -9.03 31.37 2.92
N GLU B 78 -8.61 30.12 2.81
CA GLU B 78 -8.56 29.20 3.95
C GLU B 78 -7.12 28.85 4.27
N LYS B 79 -6.87 28.53 5.53
CA LYS B 79 -5.52 28.22 5.97
C LYS B 79 -5.07 26.87 5.43
N VAL B 80 -3.85 26.83 4.88
CA VAL B 80 -3.29 25.57 4.41
C VAL B 80 -3.15 24.58 5.56
N CYS B 81 -3.02 25.05 6.79
CA CYS B 81 -2.90 24.15 7.93
C CYS B 81 -3.17 24.92 9.21
N GLU B 82 -3.79 24.22 10.17
CA GLU B 82 -4.05 24.74 11.50
C GLU B 82 -2.98 24.17 12.43
N TRP B 83 -1.87 24.89 12.56
CA TRP B 83 -0.72 24.36 13.27
C TRP B 83 -1.00 24.28 14.77
N GLN B 84 -0.65 23.14 15.36
CA GLN B 84 -0.71 22.91 16.79
C GLN B 84 0.35 21.88 17.15
N PRO B 85 1.29 22.19 18.05
CA PRO B 85 2.35 21.22 18.36
C PRO B 85 1.78 19.89 18.80
N PRO B 86 2.60 18.83 18.81
CA PRO B 86 2.07 17.51 19.18
C PRO B 86 1.37 17.48 20.53
N GLU B 87 2.02 17.99 21.57
CA GLU B 87 1.48 17.88 22.92
C GLU B 87 0.23 18.72 23.13
N GLN B 88 -0.03 19.67 22.24
CA GLN B 88 -1.27 20.44 22.29
C GLN B 88 -2.38 19.81 21.49
N LEU B 89 -2.05 19.14 20.38
CA LEU B 89 -3.06 18.48 19.57
C LEU B 89 -3.65 17.27 20.28
N ARG B 90 -2.87 16.63 21.16
CA ARG B 90 -3.42 15.55 21.97
C ARG B 90 -4.56 16.04 22.87
N GLN B 91 -4.43 17.23 23.43
CA GLN B 91 -5.48 17.82 24.27
C GLN B 91 -6.68 18.31 23.46
N LEU B 92 -6.66 18.16 22.14
CA LEU B 92 -7.74 18.64 21.30
C LEU B 92 -8.54 17.54 20.61
N LEU B 93 -7.98 16.34 20.47
CA LEU B 93 -8.61 15.29 19.68
C LEU B 93 -9.24 14.18 20.49
N ASP B 94 -8.78 13.95 21.73
CA ASP B 94 -9.28 12.82 22.51
C ASP B 94 -9.06 11.53 21.74
N LEU B 95 -7.86 10.97 21.82
CA LEU B 95 -7.48 9.80 21.03
C LEU B 95 -7.64 8.49 21.79
N GLU B 96 -7.88 8.53 23.10
CA GLU B 96 -7.93 7.31 23.88
C GLU B 96 -9.06 6.41 23.44
N MET B 97 -8.76 5.14 23.23
CA MET B 97 -9.74 4.14 22.81
C MET B 97 -10.11 3.32 24.03
N ARG B 98 -11.31 3.56 24.56
CA ARG B 98 -11.73 2.98 25.83
C ARG B 98 -12.57 1.73 25.60
N ASP B 99 -12.91 1.06 26.71
CA ASP B 99 -13.70 -0.16 26.64
C ASP B 99 -15.06 0.10 26.02
N THR B 100 -15.66 1.26 26.29
CA THR B 100 -16.95 1.62 25.74
C THR B 100 -16.77 2.48 24.48
N GLY B 101 -17.83 2.56 23.70
CA GLY B 101 -17.84 3.41 22.53
C GLY B 101 -18.20 4.84 22.87
N GLU B 102 -18.42 5.63 21.83
CA GLU B 102 -18.82 7.02 21.99
C GLU B 102 -20.05 7.31 21.13
N SER B 103 -20.88 8.22 21.61
CA SER B 103 -22.12 8.56 20.93
C SER B 103 -21.84 9.14 19.54
N GLN B 104 -22.88 9.09 18.71
CA GLN B 104 -22.75 9.57 17.33
C GLN B 104 -22.37 11.04 17.28
N ASP B 105 -22.80 11.82 18.26
CA ASP B 105 -22.43 13.24 18.30
C ASP B 105 -20.94 13.41 18.56
N LYS B 106 -20.42 12.68 19.55
CA LYS B 106 -18.99 12.76 19.87
C LYS B 106 -18.13 12.28 18.70
N LEU B 107 -18.57 11.23 17.99
CA LEU B 107 -17.80 10.73 16.86
C LEU B 107 -17.81 11.72 15.71
N LEU B 108 -18.96 12.36 15.46
CA LEU B 108 -19.00 13.40 14.45
C LEU B 108 -18.17 14.62 14.84
N LYS B 109 -17.95 14.84 16.14
CA LYS B 109 -17.02 15.88 16.55
C LYS B 109 -15.58 15.54 16.15
N LEU B 110 -15.15 14.32 16.48
CA LEU B 110 -13.84 13.86 16.05
C LEU B 110 -13.64 14.11 14.56
N CYS B 111 -14.55 13.58 13.73
CA CYS B 111 -14.46 13.82 12.29
C CYS B 111 -14.43 15.30 11.97
N GLN B 112 -15.25 16.09 12.69
CA GLN B 112 -15.23 17.54 12.49
C GLN B 112 -13.84 18.10 12.76
N ASP B 113 -13.18 17.64 13.83
CA ASP B 113 -11.86 18.13 14.18
C ASP B 113 -10.78 17.55 13.28
N VAL B 114 -10.82 16.24 13.01
CA VAL B 114 -9.79 15.60 12.19
C VAL B 114 -9.59 16.37 10.90
N ILE B 115 -10.67 16.89 10.33
CA ILE B 115 -10.57 17.68 9.10
C ILE B 115 -9.98 19.05 9.41
N HIS B 116 -10.43 19.69 10.48
CA HIS B 116 -10.01 21.05 10.79
C HIS B 116 -8.52 21.14 11.09
N PHE B 117 -7.93 20.12 11.70
CA PHE B 117 -6.56 20.18 12.15
C PHE B 117 -5.55 19.57 11.16
N SER B 118 -6.01 18.91 10.12
CA SER B 118 -5.11 18.26 9.18
C SER B 118 -4.69 19.24 8.09
N VAL B 119 -3.53 18.96 7.49
CA VAL B 119 -3.04 19.78 6.40
C VAL B 119 -4.01 19.64 5.23
N LYS B 120 -4.24 20.76 4.53
CA LYS B 120 -5.11 20.77 3.36
C LYS B 120 -4.23 20.59 2.13
N THR B 121 -4.03 19.34 1.75
CA THR B 121 -3.25 19.02 0.57
C THR B 121 -3.92 19.49 -0.71
N ASN B 122 -5.25 19.73 -0.66
CA ASN B 122 -5.98 20.22 -1.82
C ASN B 122 -5.89 21.73 -1.97
N HIS B 123 -5.52 22.44 -0.91
CA HIS B 123 -5.39 23.89 -0.96
C HIS B 123 -4.46 24.29 -2.10
N PRO B 124 -4.86 25.24 -2.96
CA PRO B 124 -3.98 25.61 -4.08
C PRO B 124 -2.59 26.06 -3.65
N ARG B 125 -2.46 26.58 -2.44
CA ARG B 125 -1.18 27.05 -1.91
C ARG B 125 -0.43 25.98 -1.14
N PHE B 126 -0.51 24.73 -1.56
CA PHE B 126 0.24 23.63 -0.93
C PHE B 126 1.27 23.13 -1.95
N PHE B 127 2.52 23.51 -1.74
CA PHE B 127 3.62 23.09 -2.59
C PHE B 127 4.71 22.40 -1.76
N ASN B 128 4.29 21.73 -0.70
CA ASN B 128 5.22 21.12 0.24
C ASN B 128 5.68 19.73 -0.18
N GLN B 129 4.98 19.10 -1.13
CA GLN B 129 5.28 17.75 -1.56
C GLN B 129 5.18 17.67 -3.08
N LEU B 130 5.54 16.52 -3.63
CA LEU B 130 5.42 16.28 -5.06
C LEU B 130 4.02 15.81 -5.41
N TYR B 131 3.04 16.21 -4.61
CA TYR B 131 1.64 16.04 -4.95
C TYR B 131 0.87 17.18 -4.30
N ALA B 132 -0.33 17.43 -4.82
CA ALA B 132 -1.17 18.50 -4.29
C ALA B 132 -2.45 18.54 -5.10
N GLY B 133 -3.42 19.30 -4.61
CA GLY B 133 -4.66 19.54 -5.32
C GLY B 133 -5.63 18.38 -5.21
N LEU B 134 -6.85 18.63 -5.70
CA LEU B 134 -7.93 17.66 -5.66
C LEU B 134 -8.45 17.46 -7.07
N ASP B 135 -8.32 16.24 -7.59
CA ASP B 135 -8.97 15.86 -8.84
C ASP B 135 -10.34 15.28 -8.51
N TYR B 136 -11.39 16.01 -8.87
CA TYR B 136 -12.74 15.60 -8.49
C TYR B 136 -13.09 14.22 -9.03
N TYR B 137 -12.67 13.93 -10.25
CA TYR B 137 -13.04 12.67 -10.89
C TYR B 137 -12.31 11.50 -10.25
N SER B 138 -11.02 11.66 -9.95
CA SER B 138 -10.29 10.61 -9.25
C SER B 138 -10.82 10.39 -7.84
N LEU B 139 -11.31 11.46 -7.19
CA LEU B 139 -11.83 11.31 -5.83
C LEU B 139 -13.12 10.51 -5.82
N ALA B 140 -14.05 10.82 -6.73
CA ALA B 140 -15.28 10.03 -6.83
C ALA B 140 -14.97 8.55 -6.99
N ALA B 141 -14.03 8.22 -7.88
CA ALA B 141 -13.59 6.84 -8.01
C ALA B 141 -12.98 6.34 -6.71
N ARG B 142 -12.26 7.20 -6.00
CA ARG B 142 -11.64 6.81 -4.75
C ARG B 142 -12.69 6.40 -3.71
N ILE B 143 -13.80 7.15 -3.62
CA ILE B 143 -14.83 6.83 -2.66
C ILE B 143 -15.48 5.50 -3.00
N ILE B 144 -15.69 5.25 -4.29
CA ILE B 144 -16.26 3.98 -4.74
C ILE B 144 -15.43 2.82 -4.23
N THR B 145 -14.13 2.82 -4.56
CA THR B 145 -13.24 1.76 -4.09
C THR B 145 -13.36 1.54 -2.59
N GLU B 146 -13.55 2.62 -1.82
CA GLU B 146 -13.59 2.48 -0.37
C GLU B 146 -14.84 1.73 0.08
N ALA B 147 -15.97 1.94 -0.61
CA ALA B 147 -17.20 1.29 -0.20
C ALA B 147 -17.22 -0.18 -0.64
N LEU B 148 -16.85 -0.45 -1.90
CA LEU B 148 -16.76 -1.83 -2.35
C LEU B 148 -15.71 -2.60 -1.59
N ASN B 149 -14.68 -1.92 -1.09
CA ASN B 149 -13.56 -2.55 -0.39
C ASN B 149 -13.05 -3.79 -1.15
N PRO B 150 -12.59 -3.62 -2.38
CA PRO B 150 -12.07 -4.78 -3.12
C PRO B 150 -10.58 -5.00 -2.93
N SER B 151 -10.18 -6.26 -3.12
CA SER B 151 -8.78 -6.64 -3.21
C SER B 151 -8.54 -7.30 -4.56
N ILE B 152 -7.31 -7.17 -5.06
CA ILE B 152 -6.99 -7.62 -6.41
C ILE B 152 -6.18 -8.91 -6.36
N TYR B 153 -6.64 -9.90 -5.59
CA TYR B 153 -6.04 -11.22 -5.70
C TYR B 153 -6.23 -11.76 -7.12
N THR B 154 -7.46 -11.75 -7.61
CA THR B 154 -7.83 -12.52 -8.79
C THR B 154 -9.07 -11.92 -9.42
N TYR B 155 -9.38 -12.41 -10.62
CA TYR B 155 -10.52 -11.90 -11.39
C TYR B 155 -11.85 -12.17 -10.71
N GLU B 156 -11.94 -13.25 -9.92
CA GLU B 156 -13.22 -13.61 -9.33
C GLU B 156 -13.62 -12.66 -8.20
N VAL B 157 -12.69 -11.86 -7.67
CA VAL B 157 -13.02 -10.92 -6.60
C VAL B 157 -13.07 -9.49 -7.11
N SER B 158 -12.28 -9.19 -8.12
CA SER B 158 -12.18 -7.83 -8.67
C SER B 158 -12.16 -7.91 -10.19
N PRO B 159 -13.25 -8.36 -10.80
CA PRO B 159 -13.27 -8.48 -12.27
C PRO B 159 -13.10 -7.14 -12.97
N VAL B 160 -13.90 -6.14 -12.59
CA VAL B 160 -13.80 -4.82 -13.21
C VAL B 160 -12.39 -4.26 -13.03
N PHE B 161 -11.98 -4.07 -11.78
CA PHE B 161 -10.73 -3.39 -11.49
C PHE B 161 -9.53 -4.10 -12.08
N LEU B 162 -9.63 -5.41 -12.34
CA LEU B 162 -8.55 -6.12 -13.00
C LEU B 162 -8.53 -5.86 -14.51
N LEU B 163 -9.70 -5.66 -15.12
CA LEU B 163 -9.73 -5.23 -16.52
C LEU B 163 -9.27 -3.78 -16.67
N VAL B 164 -9.54 -2.95 -15.66
CA VAL B 164 -9.10 -1.56 -15.72
C VAL B 164 -7.59 -1.48 -15.60
N GLU B 165 -6.99 -2.23 -14.65
CA GLU B 165 -5.54 -2.23 -14.53
C GLU B 165 -4.90 -2.69 -15.83
N GLU B 166 -5.51 -3.68 -16.49
CA GLU B 166 -5.03 -4.09 -17.81
C GLU B 166 -5.07 -2.92 -18.79
N ALA B 167 -6.17 -2.16 -18.80
CA ALA B 167 -6.29 -1.04 -19.71
C ALA B 167 -5.25 0.03 -19.42
N VAL B 168 -5.19 0.48 -18.16
CA VAL B 168 -4.28 1.55 -17.79
C VAL B 168 -2.84 1.16 -18.12
N LEU B 169 -2.41 -0.02 -17.68
CA LEU B 169 -1.05 -0.46 -17.98
C LEU B 169 -0.78 -0.46 -19.48
N LYS B 170 -1.74 -0.94 -20.29
CA LYS B 170 -1.54 -0.92 -21.73
C LYS B 170 -1.35 0.50 -22.24
N LYS B 171 -2.17 1.44 -21.78
CA LYS B 171 -2.02 2.83 -22.18
C LYS B 171 -0.65 3.37 -21.78
N MET B 172 -0.33 3.31 -20.48
CA MET B 172 0.97 3.78 -20.01
C MET B 172 2.09 3.20 -20.86
N ILE B 173 1.99 1.92 -21.23
CA ILE B 173 3.05 1.29 -22.00
C ILE B 173 3.16 1.93 -23.38
N GLU B 174 2.05 2.42 -23.93
CA GLU B 174 2.11 3.15 -25.20
C GLU B 174 2.82 4.49 -25.01
N CYS B 175 2.45 5.24 -23.97
CA CYS B 175 3.10 6.51 -23.70
C CYS B 175 4.61 6.36 -23.60
N VAL B 176 5.08 5.23 -23.08
CA VAL B 176 6.52 4.99 -23.00
C VAL B 176 7.10 4.79 -24.39
N GLY B 177 6.34 4.18 -25.30
CA GLY B 177 6.82 3.88 -26.64
C GLY B 177 7.02 2.41 -26.94
N TRP B 178 6.77 1.52 -25.98
CA TRP B 178 6.87 0.10 -26.25
C TRP B 178 5.66 -0.37 -27.07
N LYS B 179 5.85 -1.49 -27.77
CA LYS B 179 4.74 -2.14 -28.47
C LYS B 179 4.01 -3.12 -27.56
N GLU B 180 4.75 -3.79 -26.67
CA GLU B 180 4.16 -4.71 -25.71
C GLU B 180 4.89 -4.53 -24.39
N GLY B 181 4.28 -5.03 -23.34
CA GLY B 181 4.88 -4.92 -22.02
C GLY B 181 4.07 -5.64 -20.98
N ASP B 182 4.36 -5.30 -19.72
CA ASP B 182 3.74 -5.95 -18.58
C ASP B 182 3.98 -5.06 -17.37
N GLY B 183 3.08 -5.11 -16.40
CA GLY B 183 3.25 -4.28 -15.23
C GLY B 183 2.24 -4.60 -14.15
N ILE B 184 2.45 -3.95 -13.00
CA ILE B 184 1.57 -4.08 -11.84
C ILE B 184 1.60 -2.74 -11.11
N PHE B 185 0.62 -2.55 -10.23
CA PHE B 185 0.54 -1.34 -9.41
C PHE B 185 1.00 -1.67 -8.00
N ASN B 186 2.02 -0.94 -7.53
CA ASN B 186 2.60 -1.13 -6.22
C ASN B 186 2.18 0.00 -5.28
N PRO B 187 2.36 -0.18 -3.97
CA PRO B 187 2.07 0.91 -3.02
C PRO B 187 3.27 1.85 -2.87
N GLY B 188 3.37 2.78 -3.82
CA GLY B 188 4.43 3.77 -3.80
C GLY B 188 5.58 3.42 -4.72
N GLY B 189 5.99 4.38 -5.54
CA GLY B 189 7.07 4.17 -6.49
C GLY B 189 8.34 3.67 -5.84
N SER B 190 8.47 3.92 -4.53
CA SER B 190 9.59 3.36 -3.78
C SER B 190 9.64 1.85 -3.94
N VAL B 191 8.49 1.18 -3.72
CA VAL B 191 8.43 -0.26 -3.87
C VAL B 191 8.53 -0.66 -5.34
N SER B 192 7.98 0.16 -6.25
CA SER B 192 8.12 -0.11 -7.66
C SER B 192 9.59 -0.31 -8.04
N ASN B 193 10.45 0.59 -7.57
CA ASN B 193 11.88 0.44 -7.81
C ASN B 193 12.40 -0.85 -7.17
N MET B 194 11.98 -1.13 -5.94
CA MET B 194 12.39 -2.37 -5.28
C MET B 194 12.05 -3.59 -6.14
N CYS B 195 10.83 -3.62 -6.67
CA CYS B 195 10.43 -4.74 -7.53
C CYS B 195 11.33 -4.82 -8.76
N ALA B 196 11.58 -3.68 -9.40
CA ALA B 196 12.41 -3.67 -10.60
C ALA B 196 13.83 -4.14 -10.28
N MET B 197 14.36 -3.76 -9.11
CA MET B 197 15.66 -4.25 -8.71
C MET B 197 15.65 -5.75 -8.51
N ASN B 198 14.56 -6.27 -7.91
CA ASN B 198 14.45 -7.70 -7.70
C ASN B 198 14.30 -8.45 -9.02
N LEU B 199 13.65 -7.83 -10.01
CA LEU B 199 13.53 -8.45 -11.31
C LEU B 199 14.89 -8.54 -12.00
N ALA B 200 15.61 -7.41 -12.05
CA ALA B 200 16.92 -7.41 -12.69
C ALA B 200 17.86 -8.44 -12.06
N ARG B 201 17.68 -8.73 -10.77
CA ARG B 201 18.49 -9.77 -10.14
C ARG B 201 18.03 -11.16 -10.54
N TYR B 202 16.71 -11.36 -10.63
CA TYR B 202 16.19 -12.66 -11.04
C TYR B 202 16.54 -12.94 -12.50
N ARG B 203 16.38 -11.94 -13.37
CA ARG B 203 16.74 -12.12 -14.77
C ARG B 203 18.22 -12.42 -14.92
N HIS B 204 19.06 -11.78 -14.11
CA HIS B 204 20.50 -12.00 -14.19
C HIS B 204 20.87 -13.41 -13.73
N CYS B 205 20.27 -13.86 -12.64
CA CYS B 205 20.48 -15.22 -12.15
C CYS B 205 19.21 -15.66 -11.43
N PRO B 206 18.26 -16.26 -12.15
CA PRO B 206 16.99 -16.64 -11.52
C PRO B 206 17.14 -17.69 -10.43
N ASP B 207 18.32 -18.29 -10.30
CA ASP B 207 18.58 -19.22 -9.21
C ASP B 207 18.68 -18.54 -7.86
N ILE B 208 18.87 -17.21 -7.85
CA ILE B 208 18.92 -16.47 -6.60
C ILE B 208 17.61 -16.59 -5.84
N LYS B 209 16.50 -16.76 -6.57
CA LYS B 209 15.21 -16.94 -5.91
C LYS B 209 15.24 -18.12 -4.96
N GLU B 210 15.96 -19.17 -5.32
CA GLU B 210 16.05 -20.40 -4.52
C GLU B 210 17.32 -20.47 -3.68
N LYS B 211 18.47 -20.22 -4.30
CA LYS B 211 19.74 -20.35 -3.58
C LYS B 211 19.95 -19.19 -2.61
N GLY B 212 19.56 -17.99 -2.99
CA GLY B 212 19.91 -16.80 -2.24
C GLY B 212 21.27 -16.27 -2.67
N LEU B 213 21.77 -15.31 -1.91
CA LEU B 213 22.98 -14.59 -2.27
C LEU B 213 24.22 -15.07 -1.52
N SER B 214 24.10 -16.12 -0.70
CA SER B 214 25.21 -16.53 0.16
C SER B 214 26.47 -16.78 -0.65
N GLY B 215 26.40 -17.69 -1.62
CA GLY B 215 27.56 -18.09 -2.39
C GLY B 215 27.84 -17.28 -3.63
N LEU B 216 27.07 -16.23 -3.87
CA LEU B 216 27.19 -15.45 -5.09
C LEU B 216 28.17 -14.30 -4.91
N PRO B 217 28.81 -13.85 -6.00
CA PRO B 217 29.69 -12.68 -5.90
C PRO B 217 28.91 -11.40 -5.64
N ARG B 218 29.61 -10.28 -5.53
CA ARG B 218 28.96 -9.01 -5.21
C ARG B 218 28.19 -8.49 -6.42
N LEU B 219 26.87 -8.41 -6.28
CA LEU B 219 26.05 -7.75 -7.27
C LEU B 219 26.04 -6.25 -7.03
N ILE B 220 26.17 -5.49 -8.12
CA ILE B 220 26.30 -4.04 -8.05
C ILE B 220 25.31 -3.39 -8.99
N LEU B 221 24.65 -2.34 -8.51
CA LEU B 221 23.84 -1.48 -9.36
C LEU B 221 24.43 -0.08 -9.35
N PHE B 222 24.12 0.68 -10.40
CA PHE B 222 24.66 2.01 -10.58
C PHE B 222 23.50 2.99 -10.75
N THR B 223 23.50 4.05 -9.95
CA THR B 223 22.50 5.10 -10.05
C THR B 223 23.19 6.43 -9.88
N SER B 224 22.42 7.50 -10.06
CA SER B 224 22.91 8.86 -9.90
C SER B 224 22.81 9.29 -8.44
N ALA B 225 23.73 10.16 -8.03
CA ALA B 225 23.66 10.70 -6.67
C ALA B 225 22.44 11.59 -6.47
N GLU B 226 21.73 11.93 -7.55
CA GLU B 226 20.46 12.63 -7.47
C GLU B 226 19.29 11.66 -7.35
N CYS B 227 19.57 10.39 -7.07
CA CYS B 227 18.52 9.38 -7.03
C CYS B 227 17.70 9.50 -5.76
N HIS B 228 16.45 9.08 -5.86
CA HIS B 228 15.61 8.95 -4.68
C HIS B 228 16.28 8.03 -3.67
N TYR B 229 15.96 8.24 -2.40
CA TYR B 229 16.57 7.44 -1.34
C TYR B 229 16.02 6.02 -1.29
N SER B 230 14.89 5.75 -1.95
CA SER B 230 14.37 4.38 -1.97
C SER B 230 15.33 3.43 -2.67
N MET B 231 16.26 3.94 -3.47
CA MET B 231 17.31 3.09 -4.02
C MET B 231 18.21 2.56 -2.92
N LYS B 232 18.40 3.34 -1.85
CA LYS B 232 19.24 2.92 -0.73
C LYS B 232 18.53 1.87 0.12
N LYS B 233 17.30 2.17 0.54
CA LYS B 233 16.51 1.19 1.29
C LYS B 233 16.39 -0.12 0.52
N ALA B 234 16.19 -0.05 -0.80
CA ALA B 234 16.06 -1.25 -1.61
C ALA B 234 17.31 -2.11 -1.54
N ALA B 235 18.48 -1.52 -1.83
CA ALA B 235 19.72 -2.29 -1.83
C ALA B 235 19.91 -3.04 -0.52
N SER B 236 19.61 -2.39 0.61
CA SER B 236 19.70 -3.05 1.90
C SER B 236 18.64 -4.15 2.01
N PHE B 237 17.37 -3.78 1.81
CA PHE B 237 16.28 -4.73 1.96
C PHE B 237 16.53 -6.00 1.16
N LEU B 238 16.82 -5.87 -0.13
CA LEU B 238 17.05 -7.04 -0.98
C LEU B 238 18.36 -7.77 -0.65
N GLY B 239 19.05 -7.44 0.44
CA GLY B 239 20.27 -8.13 0.77
C GLY B 239 21.43 -7.89 -0.15
N ILE B 240 21.42 -6.76 -0.89
CA ILE B 240 22.55 -6.40 -1.74
C ILE B 240 23.53 -5.51 -0.99
N GLY B 241 23.03 -4.58 -0.17
CA GLY B 241 23.89 -3.73 0.62
C GLY B 241 24.10 -2.37 -0.01
N THR B 242 23.98 -1.31 0.80
CA THR B 242 24.17 0.04 0.26
C THR B 242 25.59 0.25 -0.26
N GLN B 243 26.58 -0.41 0.36
CA GLN B 243 27.96 -0.31 -0.12
C GLN B 243 28.12 -0.78 -1.55
N ASN B 244 27.13 -1.47 -2.10
CA ASN B 244 27.18 -1.97 -3.47
C ASN B 244 26.34 -1.11 -4.41
N VAL B 245 25.95 0.08 -3.96
CA VAL B 245 25.23 1.03 -4.80
C VAL B 245 26.25 2.08 -5.22
N TYR B 246 26.86 1.86 -6.38
CA TYR B 246 27.85 2.80 -6.90
C TYR B 246 27.12 4.02 -7.47
N PHE B 247 27.58 5.20 -7.09
CA PHE B 247 26.97 6.45 -7.54
C PHE B 247 27.80 7.04 -8.67
N VAL B 248 27.13 7.38 -9.76
CA VAL B 248 27.77 7.96 -10.93
C VAL B 248 27.73 9.47 -10.83
N GLU B 249 28.81 10.11 -11.27
CA GLU B 249 28.90 11.57 -11.18
C GLU B 249 27.83 12.22 -12.04
N THR B 250 27.36 13.38 -11.58
CA THR B 250 26.40 14.19 -12.31
C THR B 250 27.06 15.49 -12.77
N ASP B 251 26.50 16.07 -13.83
CA ASP B 251 27.02 17.31 -14.38
C ASP B 251 26.39 18.49 -13.63
N GLY B 252 26.50 19.70 -14.19
CA GLY B 252 25.98 20.88 -13.53
C GLY B 252 24.48 20.97 -13.50
N ARG B 253 23.79 20.18 -14.33
CA ARG B 253 22.34 20.18 -14.39
C ARG B 253 21.70 19.08 -13.55
N GLY B 254 22.50 18.27 -12.85
CA GLY B 254 21.99 17.13 -12.13
C GLY B 254 21.84 15.87 -12.94
N LYS B 255 22.34 15.85 -14.17
CA LYS B 255 22.19 14.71 -15.06
C LYS B 255 23.37 13.75 -14.93
N MET B 256 23.06 12.46 -14.91
CA MET B 256 24.11 11.44 -14.91
C MET B 256 25.00 11.60 -16.13
N ILE B 257 26.27 11.23 -15.98
CA ILE B 257 27.26 11.38 -17.04
C ILE B 257 27.53 9.99 -17.62
N PRO B 258 27.03 9.67 -18.82
CA PRO B 258 27.25 8.32 -19.38
C PRO B 258 28.71 7.96 -19.57
N GLU B 259 29.61 8.94 -19.67
CA GLU B 259 31.03 8.61 -19.82
C GLU B 259 31.58 7.99 -18.54
N ASP B 260 31.12 8.48 -17.38
CA ASP B 260 31.58 7.93 -16.11
C ASP B 260 31.03 6.52 -15.90
N LEU B 261 29.74 6.32 -16.20
CA LEU B 261 29.12 5.01 -16.03
C LEU B 261 29.98 3.89 -16.60
N GLU B 262 30.54 4.09 -17.79
CA GLU B 262 31.44 3.09 -18.35
C GLU B 262 32.63 2.86 -17.42
N LYS B 263 33.13 3.93 -16.79
CA LYS B 263 34.24 3.76 -15.86
C LYS B 263 33.84 2.93 -14.65
N GLN B 264 32.67 3.23 -14.07
CA GLN B 264 32.23 2.51 -12.89
C GLN B 264 31.92 1.05 -13.18
N ILE B 265 31.50 0.74 -14.42
CA ILE B 265 31.20 -0.64 -14.77
C ILE B 265 32.46 -1.46 -15.02
N TRP B 266 33.53 -0.83 -15.51
CA TRP B 266 34.78 -1.56 -15.70
C TRP B 266 35.48 -1.76 -14.36
N GLN B 267 35.48 -0.74 -13.50
CA GLN B 267 36.07 -0.89 -12.17
C GLN B 267 35.35 -1.99 -11.40
N ALA B 268 34.01 -1.94 -11.38
CA ALA B 268 33.24 -2.99 -10.71
C ALA B 268 33.71 -4.38 -11.15
N ARG B 269 33.76 -4.61 -12.45
CA ARG B 269 34.27 -5.87 -12.97
C ARG B 269 35.70 -6.13 -12.49
N GLN B 270 36.57 -5.13 -12.64
CA GLN B 270 37.97 -5.31 -12.27
C GLN B 270 38.15 -5.54 -10.78
N GLU B 271 37.14 -5.23 -9.97
CA GLU B 271 37.15 -5.60 -8.56
C GLU B 271 36.75 -7.06 -8.35
N GLY B 272 36.26 -7.73 -9.39
CA GLY B 272 35.65 -9.03 -9.24
C GLY B 272 34.15 -8.99 -8.98
N ALA B 273 33.56 -7.81 -8.92
CA ALA B 273 32.12 -7.72 -8.68
C ALA B 273 31.36 -7.82 -9.99
N VAL B 274 30.06 -8.04 -9.87
CA VAL B 274 29.20 -8.38 -10.99
C VAL B 274 28.14 -7.29 -11.13
N PRO B 275 28.33 -6.33 -12.03
CA PRO B 275 27.26 -5.37 -12.29
C PRO B 275 26.07 -6.03 -12.95
N PHE B 276 24.88 -5.52 -12.64
CA PHE B 276 23.66 -6.17 -13.09
C PHE B 276 22.51 -5.20 -13.35
N LEU B 277 22.62 -3.95 -12.89
CA LEU B 277 21.52 -3.02 -13.04
C LEU B 277 22.04 -1.59 -13.10
N VAL B 278 21.35 -0.77 -13.88
CA VAL B 278 21.56 0.67 -13.93
C VAL B 278 20.21 1.34 -13.72
N CYS B 279 20.15 2.27 -12.79
CA CYS B 279 18.91 2.97 -12.44
C CYS B 279 19.09 4.46 -12.69
N ALA B 280 18.54 4.93 -13.81
CA ALA B 280 18.47 6.35 -14.10
C ALA B 280 17.19 6.95 -13.56
N THR B 281 17.17 8.28 -13.44
CA THR B 281 16.03 9.01 -12.90
C THR B 281 15.59 10.05 -13.92
N SER B 282 14.33 9.96 -14.36
CA SER B 282 13.74 10.96 -15.24
C SER B 282 12.83 11.86 -14.39
N GLY B 283 13.45 12.79 -13.68
CA GLY B 283 12.73 13.69 -12.82
C GLY B 283 13.05 13.52 -11.34
N THR B 284 14.20 14.04 -10.92
CA THR B 284 14.60 13.91 -9.53
C THR B 284 13.63 14.66 -8.63
N THR B 285 13.69 14.36 -7.33
CA THR B 285 12.73 14.92 -6.38
C THR B 285 13.05 16.38 -6.10
N VAL B 286 14.32 16.68 -5.84
CA VAL B 286 14.74 18.04 -5.49
C VAL B 286 14.73 18.90 -6.74
N LEU B 287 15.67 18.66 -7.65
CA LEU B 287 15.87 19.52 -8.80
C LEU B 287 14.98 19.17 -9.98
N GLY B 288 14.47 17.95 -10.05
CA GLY B 288 13.70 17.55 -11.21
C GLY B 288 14.56 17.34 -12.45
N ALA B 289 15.76 16.79 -12.28
CA ALA B 289 16.65 16.56 -13.40
C ALA B 289 16.18 15.35 -14.21
N PHE B 290 16.74 15.20 -15.41
CA PHE B 290 16.35 14.14 -16.33
C PHE B 290 17.61 13.54 -16.95
N ASP B 291 18.01 12.37 -16.46
CA ASP B 291 19.16 11.68 -17.04
C ASP B 291 18.92 11.45 -18.53
N PRO B 292 19.99 11.40 -19.34
CA PRO B 292 19.82 11.16 -20.78
C PRO B 292 19.66 9.67 -21.09
N LEU B 293 18.42 9.23 -21.29
CA LEU B 293 18.15 7.80 -21.37
C LEU B 293 18.72 7.17 -22.63
N ASP B 294 18.76 7.92 -23.74
CA ASP B 294 19.26 7.34 -24.99
C ASP B 294 20.75 7.07 -24.91
N GLU B 295 21.51 7.96 -24.27
CA GLU B 295 22.94 7.75 -24.10
C GLU B 295 23.27 6.77 -22.97
N ILE B 296 22.36 6.60 -22.01
CA ILE B 296 22.54 5.56 -21.00
C ILE B 296 22.19 4.20 -21.57
N ALA B 297 21.09 4.12 -22.32
CA ALA B 297 20.71 2.85 -22.94
C ALA B 297 21.83 2.30 -23.81
N GLU B 298 22.49 3.16 -24.58
CA GLU B 298 23.60 2.71 -25.40
C GLU B 298 24.72 2.09 -24.56
N VAL B 299 24.85 2.53 -23.31
CA VAL B 299 25.88 1.99 -22.43
C VAL B 299 25.43 0.68 -21.79
N CYS B 300 24.15 0.58 -21.42
CA CYS B 300 23.64 -0.66 -20.84
C CYS B 300 23.62 -1.79 -21.86
N GLU B 301 23.42 -1.47 -23.13
CA GLU B 301 23.34 -2.48 -24.17
C GLU B 301 24.72 -3.01 -24.56
N ARG B 302 25.79 -2.24 -24.34
CA ARG B 302 27.13 -2.74 -24.64
C ARG B 302 27.55 -3.82 -23.66
N HIS B 303 26.99 -3.82 -22.45
CA HIS B 303 27.37 -4.78 -21.42
C HIS B 303 26.22 -5.68 -20.99
N GLY B 304 25.04 -5.53 -21.59
CA GLY B 304 23.90 -6.35 -21.22
C GLY B 304 23.53 -6.20 -19.77
N LEU B 305 23.13 -4.99 -19.38
CA LEU B 305 22.68 -4.70 -18.02
C LEU B 305 21.26 -4.17 -18.07
N TRP B 306 20.41 -4.68 -17.19
CA TRP B 306 19.07 -4.12 -17.03
C TRP B 306 19.15 -2.61 -16.88
N LEU B 307 18.21 -1.91 -17.49
CA LEU B 307 18.11 -0.46 -17.35
C LEU B 307 16.74 -0.13 -16.77
N HIS B 308 16.73 0.44 -15.58
CA HIS B 308 15.50 0.87 -14.91
C HIS B 308 15.47 2.39 -14.83
N VAL B 309 14.35 2.96 -15.22
CA VAL B 309 14.17 4.42 -15.25
C VAL B 309 13.19 4.77 -14.14
N ASP B 310 13.66 5.56 -13.17
CA ASP B 310 12.81 6.01 -12.08
C ASP B 310 12.09 7.28 -12.54
N ALA B 311 10.95 7.10 -13.20
CA ALA B 311 10.12 8.19 -13.67
C ALA B 311 8.92 8.43 -12.76
N SER B 312 9.07 8.14 -11.47
CA SER B 312 7.97 8.36 -10.52
C SER B 312 7.46 9.79 -10.58
N TRP B 313 8.34 10.75 -10.87
CA TRP B 313 8.00 12.16 -10.88
C TRP B 313 7.83 12.68 -12.32
N GLY B 314 8.88 12.52 -13.14
CA GLY B 314 8.80 12.99 -14.52
C GLY B 314 8.03 12.09 -15.46
N GLY B 315 7.59 10.92 -15.00
CA GLY B 315 6.86 10.01 -15.87
C GLY B 315 5.62 10.63 -16.48
N SER B 316 4.92 11.48 -15.71
CA SER B 316 3.69 12.07 -16.22
C SER B 316 3.94 13.03 -17.38
N ALA B 317 5.19 13.44 -17.60
CA ALA B 317 5.51 14.29 -18.75
C ALA B 317 5.38 13.53 -20.07
N LEU B 318 5.38 12.20 -20.04
CA LEU B 318 5.19 11.41 -21.25
C LEU B 318 3.82 11.66 -21.88
N VAL B 319 2.89 12.23 -21.12
CA VAL B 319 1.56 12.51 -21.66
C VAL B 319 1.59 13.67 -22.64
N SER B 320 2.56 14.57 -22.50
CA SER B 320 2.61 15.77 -23.30
C SER B 320 3.51 15.56 -24.52
N ARG B 321 2.94 15.77 -25.71
CA ARG B 321 3.77 15.76 -26.91
C ARG B 321 4.87 16.81 -26.82
N LYS B 322 4.59 17.89 -26.12
CA LYS B 322 5.52 19.02 -26.05
C LYS B 322 6.73 18.69 -25.18
N HIS B 323 6.50 18.10 -24.01
CA HIS B 323 7.55 17.88 -23.03
C HIS B 323 8.02 16.43 -22.93
N ARG B 324 7.37 15.48 -23.60
CA ARG B 324 7.78 14.08 -23.46
C ARG B 324 9.19 13.82 -23.98
N ARG B 325 9.84 14.79 -24.61
CA ARG B 325 11.24 14.61 -25.01
C ARG B 325 12.16 14.59 -23.79
N LEU B 326 11.71 15.10 -22.65
CA LEU B 326 12.50 15.01 -21.43
C LEU B 326 12.90 13.57 -21.14
N LEU B 327 12.09 12.62 -21.60
CA LEU B 327 12.35 11.19 -21.41
C LEU B 327 12.74 10.52 -22.73
N HIS B 328 13.56 11.22 -23.52
CA HIS B 328 14.03 10.68 -24.79
C HIS B 328 14.84 9.41 -24.56
N GLY B 329 14.47 8.35 -25.26
CA GLY B 329 15.14 7.08 -25.13
C GLY B 329 14.57 6.16 -24.07
N ILE B 330 13.46 6.53 -23.44
CA ILE B 330 12.87 5.66 -22.41
C ILE B 330 12.43 4.33 -23.03
N HIS B 331 12.05 4.34 -24.30
CA HIS B 331 11.64 3.12 -24.99
C HIS B 331 12.78 2.12 -25.15
N ARG B 332 14.00 2.47 -24.75
CA ARG B 332 15.13 1.55 -24.80
C ARG B 332 15.44 0.91 -23.46
N ALA B 333 14.71 1.28 -22.42
CA ALA B 333 14.89 0.69 -21.10
C ALA B 333 14.12 -0.62 -20.99
N ASP B 334 14.44 -1.39 -19.95
CA ASP B 334 13.75 -2.65 -19.67
C ASP B 334 12.60 -2.50 -18.67
N SER B 335 12.60 -1.44 -17.87
CA SER B 335 11.53 -1.24 -16.89
C SER B 335 11.42 0.24 -16.55
N VAL B 336 10.22 0.65 -16.15
CA VAL B 336 9.90 2.04 -15.88
C VAL B 336 8.99 2.13 -14.66
N ALA B 337 9.31 3.07 -13.77
CA ALA B 337 8.46 3.40 -12.64
C ALA B 337 7.74 4.73 -12.91
N TRP B 338 6.48 4.82 -12.49
CA TRP B 338 5.66 6.00 -12.80
C TRP B 338 4.55 6.12 -11.79
N ASN B 339 4.53 7.22 -11.04
CA ASN B 339 3.51 7.50 -10.02
C ASN B 339 2.55 8.56 -10.55
N PRO B 340 1.33 8.21 -10.97
CA PRO B 340 0.36 9.25 -11.35
C PRO B 340 -0.18 10.05 -10.17
N HIS B 341 -0.05 9.56 -8.93
CA HIS B 341 -0.63 10.26 -7.79
C HIS B 341 0.08 11.60 -7.54
N LYS B 342 1.18 11.82 -8.26
CA LYS B 342 1.97 13.04 -8.10
C LYS B 342 1.48 14.10 -9.03
N MET B 343 1.98 14.09 -10.26
CA MET B 343 1.74 15.16 -11.22
C MET B 343 0.31 15.18 -11.75
N LEU B 344 -0.32 14.00 -11.83
CA LEU B 344 -1.66 13.88 -12.39
C LEU B 344 -2.77 13.86 -11.35
N MET B 345 -2.42 13.96 -10.06
CA MET B 345 -3.42 14.13 -9.01
C MET B 345 -4.37 12.93 -8.94
N ALA B 346 -3.80 11.73 -9.09
CA ALA B 346 -4.63 10.53 -8.99
C ALA B 346 -5.06 10.26 -7.56
N GLY B 347 -4.43 10.89 -6.58
CA GLY B 347 -4.67 10.55 -5.19
C GLY B 347 -3.76 9.43 -4.73
N ILE B 348 -3.55 9.38 -3.43
CA ILE B 348 -2.61 8.43 -2.84
C ILE B 348 -3.38 7.13 -2.57
N GLN B 349 -2.78 5.97 -2.86
CA GLN B 349 -1.49 5.80 -3.54
C GLN B 349 -1.72 5.41 -5.00
N CYS B 350 -0.70 5.59 -5.84
CA CYS B 350 -0.81 5.18 -7.24
C CYS B 350 0.56 5.20 -7.92
N SER B 351 1.20 4.03 -8.00
CA SER B 351 2.51 3.89 -8.63
C SER B 351 2.56 2.58 -9.38
N ALA B 352 3.08 2.62 -10.59
CA ALA B 352 3.09 1.46 -11.48
C ALA B 352 4.53 1.11 -11.83
N LEU B 353 4.80 -0.19 -11.95
CA LEU B 353 6.05 -0.69 -12.49
C LEU B 353 5.75 -1.37 -13.82
N LEU B 354 6.39 -0.88 -14.88
CA LEU B 354 6.20 -1.42 -16.22
C LEU B 354 7.46 -2.15 -16.65
N VAL B 355 7.27 -3.30 -17.30
CA VAL B 355 8.36 -4.15 -17.75
C VAL B 355 8.20 -4.38 -19.24
N LYS B 356 9.32 -4.39 -19.95
CA LYS B 356 9.32 -4.54 -21.40
C LYS B 356 9.07 -5.98 -21.84
N ASP B 357 8.72 -6.88 -20.93
CA ASP B 357 8.60 -8.30 -21.24
C ASP B 357 7.15 -8.70 -21.47
N LYS B 358 7.00 -9.86 -22.11
CA LYS B 358 5.70 -10.47 -22.32
C LYS B 358 5.69 -11.96 -22.05
N SER B 359 6.79 -12.54 -21.56
CA SER B 359 6.89 -13.97 -21.31
C SER B 359 6.65 -14.33 -19.85
N ASP B 360 5.83 -13.55 -19.14
CA ASP B 360 5.52 -13.80 -17.74
C ASP B 360 6.80 -13.86 -16.90
N LEU B 361 7.68 -12.88 -17.12
CA LEU B 361 8.85 -12.75 -16.25
C LEU B 361 8.42 -12.25 -14.87
N LEU B 362 7.51 -11.29 -14.84
CA LEU B 362 6.91 -10.85 -13.58
C LEU B 362 6.40 -12.06 -12.79
N LYS B 363 5.66 -12.95 -13.45
CA LYS B 363 5.20 -14.16 -12.78
C LYS B 363 6.37 -15.04 -12.38
N LYS B 364 7.19 -15.45 -13.35
CA LYS B 364 8.35 -16.31 -13.11
C LYS B 364 9.17 -15.84 -11.91
N CYS B 365 9.10 -14.55 -11.60
CA CYS B 365 9.90 -13.97 -10.54
C CYS B 365 9.17 -13.96 -9.20
N TYR B 366 7.86 -13.69 -9.20
CA TYR B 366 7.08 -13.53 -7.98
C TYR B 366 6.05 -14.65 -7.78
N SER B 367 6.32 -15.86 -8.26
CA SER B 367 5.35 -16.95 -8.16
C SER B 367 5.53 -17.75 -6.88
N ALA B 368 4.40 -18.21 -6.33
CA ALA B 368 4.45 -19.06 -5.14
C ALA B 368 3.24 -20.01 -5.04
N LYS B 369 2.80 -20.31 -3.82
CA LYS B 369 1.80 -21.34 -3.54
C LYS B 369 0.39 -20.84 -3.85
N ALA B 370 -0.55 -21.78 -3.84
CA ALA B 370 -1.99 -21.53 -3.95
C ALA B 370 -2.76 -22.85 -4.03
N ASP B 377 -6.44 -24.34 -12.35
CA ASP B 377 -7.70 -24.94 -11.91
C ASP B 377 -8.83 -24.37 -12.75
N LYS B 378 -10.08 -24.72 -12.42
CA LYS B 378 -11.23 -24.14 -13.10
C LYS B 378 -11.53 -22.76 -12.53
N PHE B 379 -12.37 -21.98 -13.23
CA PHE B 379 -13.09 -22.35 -14.46
C PHE B 379 -13.03 -21.27 -15.54
N TYR B 380 -12.09 -20.34 -15.42
CA TYR B 380 -12.01 -19.21 -16.35
C TYR B 380 -10.56 -19.00 -16.74
N ASP B 381 -10.34 -18.12 -17.71
CA ASP B 381 -8.99 -17.80 -18.11
C ASP B 381 -8.26 -17.30 -16.88
N VAL B 382 -7.46 -18.17 -16.27
CA VAL B 382 -6.73 -17.79 -15.06
C VAL B 382 -5.66 -16.76 -15.36
N SER B 383 -5.36 -16.52 -16.63
CA SER B 383 -4.39 -15.50 -17.01
C SER B 383 -4.73 -14.14 -16.42
N TYR B 384 -6.01 -13.86 -16.20
CA TYR B 384 -6.43 -12.55 -15.70
C TYR B 384 -6.21 -12.38 -14.21
N ASP B 385 -5.64 -13.37 -13.52
CA ASP B 385 -5.22 -13.19 -12.14
C ASP B 385 -3.81 -12.62 -12.12
N THR B 386 -3.52 -11.85 -11.07
CA THR B 386 -2.22 -11.21 -10.92
C THR B 386 -1.65 -11.40 -9.52
N GLY B 387 -2.26 -12.25 -8.69
CA GLY B 387 -1.81 -12.41 -7.32
C GLY B 387 -0.37 -12.81 -7.19
N ASP B 388 0.20 -13.44 -8.22
CA ASP B 388 1.57 -13.94 -8.18
C ASP B 388 2.53 -13.11 -9.02
N LYS B 389 2.18 -11.86 -9.33
CA LYS B 389 3.13 -10.92 -9.93
C LYS B 389 3.72 -9.96 -8.91
N SER B 390 3.12 -9.85 -7.73
CA SER B 390 3.49 -8.86 -6.72
C SER B 390 4.13 -9.54 -5.53
N ILE B 391 4.76 -8.73 -4.67
CA ILE B 391 5.22 -9.24 -3.38
C ILE B 391 4.11 -9.27 -2.35
N GLN B 392 3.08 -8.46 -2.53
CA GLN B 392 1.96 -8.44 -1.60
C GLN B 392 0.88 -9.41 -2.07
N CYS B 393 0.08 -9.86 -1.11
CA CYS B 393 -1.10 -10.66 -1.41
C CYS B 393 -2.28 -9.73 -1.67
N SER B 394 -2.91 -9.21 -0.62
CA SER B 394 -3.95 -8.22 -0.81
C SER B 394 -3.38 -6.96 -1.46
N ARG B 395 -4.24 -6.26 -2.18
CA ARG B 395 -3.83 -5.08 -2.92
C ARG B 395 -5.08 -4.28 -3.28
N ARG B 396 -4.96 -2.95 -3.25
CA ARG B 396 -6.12 -2.14 -3.60
C ARG B 396 -6.07 -1.80 -5.08
N PRO B 397 -7.22 -1.46 -5.68
CA PRO B 397 -7.24 -1.08 -7.10
C PRO B 397 -6.78 0.37 -7.31
N ASP B 398 -5.51 0.62 -6.99
CA ASP B 398 -4.96 1.97 -7.13
C ASP B 398 -5.13 2.50 -8.55
N ALA B 399 -5.08 1.62 -9.55
CA ALA B 399 -5.11 2.05 -10.94
C ALA B 399 -6.47 2.51 -11.41
N PHE B 400 -7.53 2.24 -10.63
CA PHE B 400 -8.88 2.58 -11.09
C PHE B 400 -9.12 4.09 -11.02
N LYS B 401 -8.71 4.72 -9.93
CA LYS B 401 -8.93 6.17 -9.78
C LYS B 401 -8.28 6.94 -10.91
N PHE B 402 -7.06 6.55 -11.31
CA PHE B 402 -6.43 7.17 -12.47
C PHE B 402 -7.28 6.97 -13.72
N TRP B 403 -7.72 5.73 -13.96
CA TRP B 403 -8.58 5.45 -15.11
C TRP B 403 -9.77 6.40 -15.15
N MET B 404 -10.35 6.69 -13.98
CA MET B 404 -11.49 7.59 -13.93
C MET B 404 -11.11 8.99 -14.40
N THR B 405 -9.90 9.44 -14.05
CA THR B 405 -9.43 10.74 -14.51
C THR B 405 -9.19 10.74 -16.01
N TRP B 406 -8.45 9.74 -16.51
CA TRP B 406 -8.11 9.70 -17.92
C TRP B 406 -9.36 9.66 -18.80
N LYS B 407 -10.39 8.93 -18.37
CA LYS B 407 -11.65 8.96 -19.10
C LYS B 407 -12.29 10.34 -19.06
N ALA B 408 -12.24 11.00 -17.90
CA ALA B 408 -12.95 12.26 -17.75
C ALA B 408 -12.27 13.39 -18.52
N LEU B 409 -10.95 13.31 -18.72
CA LEU B 409 -10.20 14.36 -19.37
C LEU B 409 -9.60 13.95 -20.71
N GLY B 410 -9.50 12.65 -20.99
CA GLY B 410 -8.81 12.20 -22.17
C GLY B 410 -7.34 12.59 -22.13
N THR B 411 -6.53 12.03 -23.03
CA THR B 411 -5.14 12.44 -23.10
C THR B 411 -5.01 13.94 -23.33
N SER B 412 -5.96 14.53 -24.06
CA SER B 412 -5.89 15.95 -24.35
C SER B 412 -5.97 16.78 -23.07
N GLY B 413 -6.90 16.43 -22.17
CA GLY B 413 -7.00 17.16 -20.92
C GLY B 413 -5.80 16.98 -20.02
N LEU B 414 -5.26 15.76 -19.95
CA LEU B 414 -4.05 15.53 -19.17
C LEU B 414 -2.86 16.25 -19.76
N GLU B 415 -2.77 16.30 -21.08
CA GLU B 415 -1.70 17.04 -21.74
C GLU B 415 -1.70 18.49 -21.28
N GLU B 416 -2.88 19.13 -21.28
CA GLU B 416 -2.96 20.54 -20.90
C GLU B 416 -2.57 20.75 -19.45
N ARG B 417 -2.97 19.82 -18.57
CA ARG B 417 -2.63 19.96 -17.16
C ARG B 417 -1.12 19.93 -16.94
N VAL B 418 -0.42 19.02 -17.62
CA VAL B 418 1.03 18.94 -17.48
C VAL B 418 1.69 20.19 -18.06
N ASN B 419 1.24 20.61 -19.25
CA ASN B 419 1.85 21.76 -19.91
C ASN B 419 1.65 23.03 -19.08
N ARG B 420 0.46 23.23 -18.53
CA ARG B 420 0.20 24.44 -17.77
C ARG B 420 1.13 24.55 -16.57
N ALA B 421 1.43 23.42 -15.92
CA ALA B 421 2.36 23.44 -14.80
C ALA B 421 3.71 24.01 -15.23
N PHE B 422 4.19 23.61 -16.40
CA PHE B 422 5.44 24.18 -16.91
C PHE B 422 5.32 25.68 -17.08
N ALA B 423 4.20 26.16 -17.64
CA ALA B 423 4.01 27.59 -17.81
C ALA B 423 4.05 28.31 -16.46
N LEU B 424 3.21 27.87 -15.52
CA LEU B 424 3.21 28.47 -14.19
C LEU B 424 4.57 28.33 -13.52
N SER B 425 5.27 27.22 -13.77
CA SER B 425 6.65 27.10 -13.30
C SER B 425 7.53 28.19 -13.88
N ARG B 426 7.60 28.25 -15.21
CA ARG B 426 8.44 29.23 -15.87
C ARG B 426 7.97 30.66 -15.64
N TYR B 427 6.69 30.86 -15.29
CA TYR B 427 6.25 32.18 -14.88
C TYR B 427 6.91 32.57 -13.56
N LEU B 428 6.81 31.69 -12.56
CA LEU B 428 7.49 31.93 -11.29
C LEU B 428 8.97 32.20 -11.52
N VAL B 429 9.56 31.49 -12.49
CA VAL B 429 10.96 31.73 -12.83
C VAL B 429 11.16 33.17 -13.28
N ASP B 430 10.39 33.61 -14.27
CA ASP B 430 10.53 34.97 -14.78
C ASP B 430 10.28 36.00 -13.68
N GLU B 431 9.36 35.73 -12.76
CA GLU B 431 9.10 36.66 -11.67
C GLU B 431 10.20 36.62 -10.61
N ILE B 432 10.81 35.46 -10.40
CA ILE B 432 11.89 35.35 -9.42
C ILE B 432 13.09 36.18 -9.85
N LYS B 433 13.41 36.16 -11.15
CA LYS B 433 14.56 36.92 -11.64
C LYS B 433 14.32 38.42 -11.54
N LYS B 434 13.07 38.87 -11.66
CA LYS B 434 12.77 40.29 -11.50
C LYS B 434 13.10 40.78 -10.10
N ARG B 435 12.98 39.92 -9.10
CA ARG B 435 13.13 40.32 -7.71
C ARG B 435 14.57 40.18 -7.24
N GLU B 436 14.92 40.99 -6.25
CA GLU B 436 16.22 40.93 -5.60
C GLU B 436 16.03 40.34 -4.20
N GLY B 437 16.99 39.51 -3.80
CA GLY B 437 16.84 38.69 -2.62
C GLY B 437 16.40 37.26 -2.90
N PHE B 438 16.11 36.94 -4.16
CA PHE B 438 15.74 35.59 -4.58
C PHE B 438 16.79 35.11 -5.56
N LYS B 439 17.62 34.14 -5.14
CA LYS B 439 18.63 33.55 -6.01
C LYS B 439 18.15 32.20 -6.50
N LEU B 440 18.13 32.02 -7.81
CA LEU B 440 17.73 30.76 -8.43
C LEU B 440 18.95 29.85 -8.59
N LEU B 441 18.84 28.62 -8.08
CA LEU B 441 19.95 27.69 -8.20
C LEU B 441 20.27 27.37 -9.65
N MET B 442 19.24 27.30 -10.50
CA MET B 442 19.40 26.98 -11.91
C MET B 442 18.02 27.07 -12.56
N GLU B 443 18.02 27.17 -13.88
CA GLU B 443 16.76 27.10 -14.61
C GLU B 443 16.22 25.68 -14.50
N PRO B 444 14.97 25.49 -14.08
CA PRO B 444 14.48 24.12 -13.86
C PRO B 444 14.26 23.40 -15.18
N GLU B 445 14.58 22.10 -15.17
CA GLU B 445 14.25 21.25 -16.30
C GLU B 445 12.83 20.71 -16.20
N TYR B 446 12.21 20.81 -15.03
CA TYR B 446 10.86 20.33 -14.80
C TYR B 446 10.05 21.43 -14.14
N THR B 447 9.24 21.09 -13.13
CA THR B 447 8.50 22.09 -12.36
C THR B 447 9.08 22.26 -10.96
N ASN B 448 10.33 21.87 -10.75
CA ASN B 448 11.01 22.01 -9.46
C ASN B 448 11.81 23.30 -9.48
N VAL B 449 11.22 24.38 -8.96
CA VAL B 449 11.85 25.69 -8.95
C VAL B 449 12.58 25.81 -7.61
N CYS B 450 13.91 25.70 -7.66
CA CYS B 450 14.74 25.75 -6.46
C CYS B 450 15.39 27.12 -6.36
N PHE B 451 15.18 27.81 -5.23
CA PHE B 451 15.72 29.14 -5.05
C PHE B 451 16.00 29.38 -3.57
N TRP B 452 16.97 30.26 -3.33
CA TRP B 452 17.19 30.81 -2.00
C TRP B 452 16.36 32.08 -1.82
N TYR B 453 16.12 32.43 -0.56
CA TYR B 453 15.68 33.78 -0.22
C TYR B 453 16.74 34.42 0.65
N ILE B 454 17.28 35.55 0.18
CA ILE B 454 18.36 36.25 0.86
C ILE B 454 17.76 37.48 1.52
N PRO B 455 17.59 37.50 2.85
CA PRO B 455 17.07 38.69 3.50
C PRO B 455 17.93 39.90 3.19
N PRO B 456 17.43 41.12 3.40
CA PRO B 456 18.25 42.30 3.08
C PRO B 456 19.51 42.39 3.91
N SER B 457 19.44 41.97 5.18
CA SER B 457 20.60 42.03 6.08
C SER B 457 21.79 41.24 5.54
N LEU B 458 21.56 40.27 4.67
CA LEU B 458 22.61 39.42 4.13
C LEU B 458 22.98 39.79 2.71
N ARG B 459 22.36 40.83 2.15
CA ARG B 459 22.76 41.32 0.85
C ARG B 459 24.02 42.17 1.02
N GLU B 460 24.61 42.57 -0.11
CA GLU B 460 25.86 43.32 -0.13
C GLU B 460 26.97 42.63 0.69
N MET B 461 26.72 41.43 1.18
CA MET B 461 27.71 40.65 1.88
C MET B 461 28.59 39.95 0.85
N GLU B 462 29.52 39.13 1.30
CA GLU B 462 30.39 38.38 0.38
C GLU B 462 30.04 36.90 0.39
N GLU B 463 30.23 36.28 -0.78
CA GLU B 463 29.90 34.87 -0.99
C GLU B 463 30.94 33.97 -0.32
N GLY B 464 31.07 34.08 1.01
CA GLY B 464 32.01 33.28 1.74
C GLY B 464 31.32 32.29 2.66
N PRO B 465 32.10 31.38 3.26
CA PRO B 465 31.53 30.44 4.23
C PRO B 465 30.60 31.12 5.21
N GLU B 466 31.11 32.14 5.91
CA GLU B 466 30.30 32.84 6.91
C GLU B 466 28.97 33.29 6.35
N PHE B 467 28.91 33.62 5.06
CA PHE B 467 27.64 34.03 4.46
C PHE B 467 26.67 32.87 4.39
N TRP B 468 27.12 31.72 3.87
CA TRP B 468 26.25 30.56 3.77
C TRP B 468 25.75 30.13 5.14
N ARG B 469 26.66 30.01 6.12
CA ARG B 469 26.25 29.52 7.44
C ARG B 469 25.06 30.30 7.99
N LYS B 470 24.92 31.57 7.59
CA LYS B 470 23.77 32.37 8.00
C LYS B 470 22.58 32.21 7.06
N LEU B 471 22.83 32.14 5.75
CA LEU B 471 21.75 31.86 4.81
C LEU B 471 21.07 30.54 5.10
N SER B 472 21.78 29.61 5.74
CA SER B 472 21.22 28.30 6.02
C SER B 472 19.97 28.40 6.88
N LEU B 473 19.99 29.23 7.92
CA LEU B 473 18.91 29.29 8.88
C LEU B 473 17.75 30.18 8.42
N VAL B 474 17.77 30.66 7.18
CA VAL B 474 16.70 31.53 6.69
C VAL B 474 15.48 30.69 6.30
N ALA B 475 15.68 29.74 5.39
CA ALA B 475 14.57 28.91 4.93
C ALA B 475 13.85 28.20 6.07
N PRO B 476 14.54 27.52 6.99
CA PRO B 476 13.82 26.89 8.11
C PRO B 476 13.02 27.87 8.95
N ALA B 477 13.49 29.11 9.08
CA ALA B 477 12.75 30.10 9.87
C ALA B 477 11.59 30.70 9.10
N ILE B 478 11.72 30.83 7.77
CA ILE B 478 10.59 31.26 6.95
C ILE B 478 9.54 30.17 6.89
N LYS B 479 9.95 28.90 7.01
CA LYS B 479 8.99 27.81 7.02
C LYS B 479 8.21 27.76 8.33
N GLU B 480 8.89 28.04 9.45
CA GLU B 480 8.21 28.04 10.74
C GLU B 480 7.05 29.03 10.76
N LYS B 481 7.23 30.20 10.13
CA LYS B 481 6.20 31.24 10.20
C LYS B 481 5.02 30.89 9.30
N MET B 482 5.28 30.52 8.05
CA MET B 482 4.19 30.23 7.12
C MET B 482 3.36 29.04 7.60
N MET B 483 3.94 28.14 8.39
CA MET B 483 3.17 27.05 8.96
C MET B 483 2.29 27.50 10.13
N LYS B 484 2.74 28.48 10.91
CA LYS B 484 1.90 29.04 11.96
C LYS B 484 0.85 30.01 11.39
N LYS B 485 1.18 30.68 10.28
CA LYS B 485 0.19 31.51 9.61
C LYS B 485 -0.87 30.64 8.93
N GLY B 486 -0.46 29.50 8.39
CA GLY B 486 -1.37 28.67 7.63
C GLY B 486 -1.67 29.20 6.25
N SER B 487 -0.80 30.06 5.71
CA SER B 487 -1.02 30.72 4.43
C SER B 487 -0.14 30.18 3.32
N LEU B 488 0.88 29.39 3.64
CA LEU B 488 1.80 28.85 2.64
C LEU B 488 2.42 27.58 3.20
N MET B 489 2.97 26.77 2.30
CA MET B 489 3.78 25.63 2.69
C MET B 489 4.72 25.32 1.55
N LEU B 490 6.02 25.53 1.77
CA LEU B 490 7.06 25.17 0.82
C LEU B 490 8.09 24.27 1.48
N GLY B 491 8.82 23.54 0.65
CA GLY B 491 9.86 22.66 1.14
C GLY B 491 11.20 23.38 1.18
N TYR B 492 11.93 23.16 2.26
CA TYR B 492 13.33 23.58 2.35
C TYR B 492 14.16 22.34 2.66
N GLN B 493 15.33 22.25 2.03
CA GLN B 493 16.20 21.11 2.28
C GLN B 493 17.58 21.42 1.75
N PRO B 494 18.63 20.84 2.32
CA PRO B 494 19.94 20.86 1.66
C PRO B 494 19.99 19.82 0.56
N HIS B 495 21.05 19.92 -0.25
CA HIS B 495 21.22 19.03 -1.38
C HIS B 495 22.66 19.16 -1.86
N ARG B 496 23.33 18.04 -2.07
CA ARG B 496 24.70 18.08 -2.57
C ARG B 496 25.47 18.86 -1.52
N GLY B 497 26.30 19.83 -1.89
CA GLY B 497 26.93 20.71 -0.94
C GLY B 497 26.11 21.94 -0.62
N LYS B 498 25.05 22.16 -1.40
CA LYS B 498 24.19 23.33 -1.24
C LYS B 498 23.47 23.30 0.11
N VAL B 499 23.34 24.49 0.70
CA VAL B 499 22.73 24.67 2.01
C VAL B 499 21.25 24.97 1.81
N ASN B 500 20.49 24.91 2.91
CA ASN B 500 19.04 25.09 2.89
C ASN B 500 18.57 26.07 1.82
N PHE B 501 17.82 25.55 0.85
CA PHE B 501 17.17 26.37 -0.17
C PHE B 501 15.74 25.89 -0.33
N PHE B 502 14.92 26.72 -0.96
CA PHE B 502 13.53 26.36 -1.18
C PHE B 502 13.39 25.55 -2.45
N ARG B 503 12.38 24.67 -2.46
CA ARG B 503 11.95 23.96 -3.65
C ARG B 503 10.46 24.16 -3.79
N GLN B 504 10.03 24.60 -4.97
CA GLN B 504 8.62 24.85 -5.25
C GLN B 504 8.18 23.87 -6.34
N VAL B 505 6.98 23.35 -6.22
CA VAL B 505 6.47 22.34 -7.15
C VAL B 505 5.07 22.75 -7.58
N VAL B 506 4.91 23.06 -8.87
CA VAL B 506 3.63 23.43 -9.45
C VAL B 506 3.00 22.17 -10.05
N ILE B 507 1.79 21.84 -9.59
CA ILE B 507 1.11 20.62 -10.04
C ILE B 507 -0.36 20.92 -10.30
N SER B 508 -1.08 21.33 -9.25
CA SER B 508 -2.52 21.48 -9.36
C SER B 508 -2.87 22.52 -10.43
N PRO B 509 -3.87 22.25 -11.28
CA PRO B 509 -4.33 23.27 -12.22
C PRO B 509 -5.24 24.33 -11.62
N GLN B 510 -5.47 24.30 -10.31
CA GLN B 510 -6.17 25.39 -9.64
C GLN B 510 -5.23 26.53 -9.26
N VAL B 511 -3.93 26.28 -9.26
CA VAL B 511 -2.97 27.34 -8.98
C VAL B 511 -3.05 28.37 -10.09
N SER B 512 -3.01 29.65 -9.70
CA SER B 512 -3.06 30.75 -10.65
C SER B 512 -1.76 31.54 -10.57
N ARG B 513 -1.53 32.36 -11.59
CA ARG B 513 -0.36 33.25 -11.57
C ARG B 513 -0.33 34.03 -10.27
N GLU B 514 -1.50 34.48 -9.80
CA GLU B 514 -1.60 35.23 -8.56
C GLU B 514 -1.17 34.39 -7.35
N ASP B 515 -1.25 33.07 -7.44
CA ASP B 515 -0.73 32.22 -6.37
C ASP B 515 0.79 32.12 -6.40
N MET B 516 1.41 32.44 -7.53
CA MET B 516 2.87 32.54 -7.59
C MET B 516 3.34 33.88 -7.07
N ASP B 517 2.66 34.97 -7.47
CA ASP B 517 2.97 36.28 -6.93
C ASP B 517 2.87 36.28 -5.40
N PHE B 518 1.83 35.63 -4.86
CA PHE B 518 1.68 35.57 -3.42
C PHE B 518 2.81 34.77 -2.77
N LEU B 519 3.27 33.72 -3.44
CA LEU B 519 4.39 32.94 -2.91
C LEU B 519 5.59 33.84 -2.63
N LEU B 520 5.99 34.63 -3.64
CA LEU B 520 7.14 35.51 -3.46
C LEU B 520 6.80 36.69 -2.56
N ASP B 521 5.57 37.22 -2.67
CA ASP B 521 5.14 38.28 -1.78
C ASP B 521 5.13 37.81 -0.33
N GLU B 522 4.73 36.55 -0.10
CA GLU B 522 4.62 36.04 1.26
C GLU B 522 6.00 35.72 1.84
N ILE B 523 6.82 34.97 1.11
CA ILE B 523 8.17 34.66 1.56
C ILE B 523 8.94 35.95 1.82
N ASP B 524 8.86 36.89 0.89
CA ASP B 524 9.53 38.18 1.05
C ASP B 524 9.12 38.83 2.38
N SER B 525 7.82 38.89 2.63
CA SER B 525 7.34 39.55 3.86
C SER B 525 7.87 38.87 5.10
N LEU B 526 7.88 37.54 5.12
CA LEU B 526 8.27 36.79 6.32
C LEU B 526 9.78 36.79 6.54
N GLY B 527 10.57 37.08 5.50
CA GLY B 527 12.01 37.06 5.62
C GLY B 527 12.64 38.41 5.35
N ARG B 528 11.79 39.44 5.27
CA ARG B 528 12.29 40.79 5.00
C ARG B 528 13.13 41.31 6.15
N ASP B 529 12.76 40.96 7.39
CA ASP B 529 13.43 41.45 8.58
C ASP B 529 14.29 40.37 9.26
N MET B 530 14.89 39.48 8.48
CA MET B 530 15.69 38.39 9.04
C MET B 530 17.19 38.58 8.82
#